data_4R16
#
_entry.id   4R16
#
_cell.length_a   54.030
_cell.length_b   74.650
_cell.length_c   73.560
_cell.angle_alpha   66.20
_cell.angle_beta   70.40
_cell.angle_gamma   75.20
#
_symmetry.space_group_name_H-M   'P 1'
#
loop_
_entity.id
_entity.type
_entity.pdbx_description
1 polymer '418aa long hypothetical UDP-N-acetyl-D-mannosaminuronic acid dehydrogenase'
2 non-polymer '(2S,3S,4R,5S,6R)-5-acetamido-6-[[[(2R,3S,4R,5R)-5-[2,4-bis(oxidanylidene)pyrimidin-1-yl]-3,4-bis(oxidanyl)oxolan-2-yl]methoxy-oxidanyl-phosphoryl]oxy-oxidanyl-phosphoryl]oxy-3,4-bis(oxidanyl)oxane-2-carboxylic acid'
3 water water
#
_entity_poly.entity_id   1
_entity_poly.type   'polypeptide(L)'
_entity_poly.pdbx_seq_one_letter_code
;(MSE)RIAVLGLGYIGLPTAI(MSE)FASSGYDVVGYDIRSEVIKKINSGVAHIIEPEIDRRLKEVLSLGKLKVTDRVED
LKGSNVFIICVQTPLSGDDPDLSYLERAIRTVAEV(MSE)DRGALVIIESTIPPGTTEK(MSE)ARLLENLTGLREGVDF
YVAHAPERV(MSE)PGRIFKELVYNSRIIGGVSEKAANLAEKLYRSFVKGRIFLTNATTAE(MSE)VKL(MSE)ENTFRD
VNIALANEFALLAHQYGVNVYEAIELANTHPRVKIHTPGIGVGGHCLPKDPYLLLSNAKEDFGLIRIARRINER(MSE)P
AFAAGLLFEALEKANIKPSEAIIAVLGLAYKGGTDDTRNSPALKFVEIIRNSVKEVRTYDPYVRGTHDSLEKVVEGADAI
VIATDHPEFKSVNWESIGKS(MSE)RHKIIIDGRNIIKEPPVGFIFRGIGRGDV
;
_entity_poly.pdbx_strand_id   A,B
#
loop_
_chem_comp.id
_chem_comp.type
_chem_comp.name
_chem_comp.formula
SAJ non-polymer '(2S,3S,4R,5S,6R)-5-acetamido-6-[[[(2R,3S,4R,5R)-5-[2,4-bis(oxidanylidene)pyrimidin-1-yl]-3,4-bis(oxidanyl)oxolan-2-yl]methoxy-oxidanyl-phosphoryl]oxy-oxidanyl-phosphoryl]oxy-3,4-bis(oxidanyl)oxane-2-carboxylic acid' 'C17 H25 N3 O18 P2'
#
# COMPACT_ATOMS: atom_id res chain seq x y z
N MSE A 1 33.18 -6.71 -25.35
CA MSE A 1 31.96 -7.54 -25.53
C MSE A 1 30.89 -6.73 -26.25
O MSE A 1 30.77 -5.52 -26.03
CB MSE A 1 31.44 -8.02 -24.18
CG MSE A 1 30.30 -9.02 -24.26
SE MSE A 1 29.60 -9.50 -22.53
CE MSE A 1 31.12 -10.48 -21.86
N ARG A 2 30.12 -7.39 -27.10
CA ARG A 2 29.06 -6.70 -27.85
C ARG A 2 27.68 -6.98 -27.28
N ILE A 3 26.89 -5.91 -27.15
CA ILE A 3 25.52 -6.04 -26.66
C ILE A 3 24.57 -5.48 -27.70
N ALA A 4 23.48 -6.18 -27.95
CA ALA A 4 22.47 -5.72 -28.90
C ALA A 4 21.22 -5.43 -28.09
N VAL A 5 20.61 -4.27 -28.31
CA VAL A 5 19.39 -3.90 -27.62
C VAL A 5 18.29 -3.78 -28.66
N LEU A 6 17.25 -4.59 -28.52
CA LEU A 6 16.13 -4.55 -29.46
C LEU A 6 14.94 -3.83 -28.84
N GLY A 7 14.53 -2.75 -29.48
CA GLY A 7 13.42 -1.96 -28.97
C GLY A 7 14.01 -0.71 -28.35
N LEU A 8 14.01 0.39 -29.09
CA LEU A 8 14.59 1.63 -28.59
C LEU A 8 13.53 2.61 -28.14
N GLY A 9 12.66 2.16 -27.24
CA GLY A 9 11.62 2.99 -26.69
C GLY A 9 12.18 3.83 -25.54
N TYR A 10 11.32 4.43 -24.72
CA TYR A 10 11.83 5.26 -23.64
C TYR A 10 12.62 4.54 -22.55
N ILE A 11 12.66 3.21 -22.61
CA ILE A 11 13.46 2.45 -21.65
C ILE A 11 14.61 1.76 -22.40
N GLY A 12 14.32 1.30 -23.61
CA GLY A 12 15.33 0.64 -24.42
C GLY A 12 16.50 1.53 -24.83
N LEU A 13 16.21 2.75 -25.27
CA LEU A 13 17.29 3.66 -25.68
C LEU A 13 18.19 3.97 -24.49
N PRO A 14 17.61 4.41 -23.34
CA PRO A 14 18.44 4.70 -22.18
C PRO A 14 19.27 3.49 -21.75
N THR A 15 18.70 2.30 -21.89
CA THR A 15 19.40 1.07 -21.52
C THR A 15 20.61 0.91 -22.43
N ALA A 16 20.41 1.12 -23.73
CA ALA A 16 21.49 0.98 -24.69
C ALA A 16 22.57 2.02 -24.42
N ILE A 17 22.15 3.24 -24.13
CA ILE A 17 23.09 4.32 -23.85
C ILE A 17 23.90 4.04 -22.61
N MSE A 18 23.23 3.57 -21.55
CA MSE A 18 23.92 3.27 -20.31
C MSE A 18 24.98 2.18 -20.47
O MSE A 18 26.08 2.30 -19.95
CB MSE A 18 22.90 2.87 -19.23
CG MSE A 18 23.52 2.56 -17.87
SE MSE A 18 24.55 4.01 -17.08
CE MSE A 18 23.08 5.07 -16.46
N PHE A 19 24.64 1.12 -21.19
CA PHE A 19 25.62 0.05 -21.40
C PHE A 19 26.79 0.57 -22.25
N ALA A 20 26.47 1.38 -23.25
CA ALA A 20 27.50 1.96 -24.13
C ALA A 20 28.42 2.92 -23.38
N SER A 21 27.92 3.47 -22.27
CA SER A 21 28.71 4.40 -21.48
C SER A 21 29.41 3.65 -20.35
N SER A 22 29.19 2.34 -20.28
CA SER A 22 29.80 1.54 -19.22
C SER A 22 30.79 0.50 -19.69
N GLY A 23 31.38 0.72 -20.86
CA GLY A 23 32.39 -0.20 -21.37
C GLY A 23 32.02 -1.20 -22.44
N TYR A 24 30.76 -1.20 -22.85
CA TYR A 24 30.33 -2.16 -23.86
C TYR A 24 30.09 -1.55 -25.23
N ASP A 25 30.39 -2.33 -26.27
CA ASP A 25 30.15 -1.89 -27.63
C ASP A 25 28.72 -2.34 -27.88
N VAL A 26 27.83 -1.35 -28.01
CA VAL A 26 26.40 -1.63 -28.17
C VAL A 26 25.81 -1.27 -29.52
N VAL A 27 24.88 -2.10 -29.97
CA VAL A 27 24.18 -1.86 -31.22
C VAL A 27 22.70 -1.81 -30.86
N GLY A 28 22.10 -0.65 -31.04
CA GLY A 28 20.69 -0.49 -30.75
C GLY A 28 19.90 -0.77 -32.01
N TYR A 29 18.88 -1.62 -31.89
CA TYR A 29 18.06 -1.99 -33.03
C TYR A 29 16.59 -1.64 -32.82
N ASP A 30 15.94 -1.18 -33.87
CA ASP A 30 14.51 -0.84 -33.80
C ASP A 30 13.96 -0.91 -35.22
N ILE A 31 12.88 -1.66 -35.38
CA ILE A 31 12.23 -1.86 -36.67
C ILE A 31 11.73 -0.54 -37.28
N ARG A 32 11.56 0.48 -36.44
CA ARG A 32 11.10 1.78 -36.91
C ARG A 32 12.27 2.58 -37.46
N SER A 33 12.40 2.62 -38.78
CA SER A 33 13.48 3.34 -39.44
C SER A 33 13.46 4.82 -39.11
N GLU A 34 12.28 5.33 -38.80
CA GLU A 34 12.12 6.75 -38.45
C GLU A 34 12.83 7.08 -37.15
N VAL A 35 12.74 6.18 -36.19
CA VAL A 35 13.38 6.38 -34.89
C VAL A 35 14.89 6.31 -35.00
N ILE A 36 15.39 5.42 -35.84
CA ILE A 36 16.83 5.25 -36.04
C ILE A 36 17.47 6.50 -36.63
N LYS A 37 16.78 7.12 -37.58
CA LYS A 37 17.29 8.32 -38.23
C LYS A 37 17.47 9.45 -37.21
N LYS A 38 16.45 9.64 -36.38
CA LYS A 38 16.48 10.70 -35.36
C LYS A 38 17.59 10.47 -34.35
N ILE A 39 17.71 9.25 -33.85
CA ILE A 39 18.73 8.93 -32.85
C ILE A 39 20.15 9.18 -33.37
N ASN A 40 20.34 8.96 -34.67
CA ASN A 40 21.65 9.16 -35.29
C ASN A 40 22.09 10.62 -35.30
N SER A 41 21.12 11.53 -35.26
CA SER A 41 21.42 12.96 -35.28
C SER A 41 21.86 13.49 -33.91
N GLY A 42 22.05 12.58 -32.97
CA GLY A 42 22.47 12.98 -31.64
C GLY A 42 21.33 13.41 -30.74
N VAL A 43 20.14 13.52 -31.31
CA VAL A 43 18.96 13.92 -30.56
C VAL A 43 17.99 12.75 -30.46
N ALA A 44 17.55 12.46 -29.24
CA ALA A 44 16.62 11.36 -29.01
C ALA A 44 15.22 11.73 -29.48
N HIS A 45 14.39 10.71 -29.70
CA HIS A 45 13.03 10.90 -30.16
C HIS A 45 12.10 10.98 -28.96
N ILE A 46 12.66 10.81 -27.77
CA ILE A 46 11.90 10.85 -26.52
C ILE A 46 12.49 11.88 -25.56
N ILE A 47 11.67 12.36 -24.65
CA ILE A 47 12.13 13.34 -23.66
C ILE A 47 12.43 12.66 -22.33
N GLU A 48 13.66 12.81 -21.89
CA GLU A 48 14.12 12.22 -20.64
C GLU A 48 15.35 12.99 -20.24
N PRO A 49 15.38 13.52 -19.01
CA PRO A 49 16.56 14.28 -18.57
C PRO A 49 17.87 13.58 -18.91
N GLU A 50 18.82 14.36 -19.44
CA GLU A 50 20.15 13.87 -19.80
C GLU A 50 20.26 12.92 -20.99
N ILE A 51 19.15 12.52 -21.59
CA ILE A 51 19.24 11.58 -22.70
C ILE A 51 20.03 12.09 -23.91
N ASP A 52 19.85 13.36 -24.28
CA ASP A 52 20.59 13.90 -25.43
C ASP A 52 22.08 14.02 -25.11
N ARG A 53 22.40 14.48 -23.91
CA ARG A 53 23.80 14.62 -23.52
C ARG A 53 24.49 13.26 -23.53
N ARG A 54 23.85 12.28 -22.91
CA ARG A 54 24.39 10.93 -22.84
C ARG A 54 24.43 10.23 -24.20
N LEU A 55 23.45 10.50 -25.05
CA LEU A 55 23.42 9.89 -26.37
C LEU A 55 24.60 10.38 -27.20
N LYS A 56 24.83 11.69 -27.20
CA LYS A 56 25.94 12.25 -27.96
C LYS A 56 27.27 11.71 -27.44
N GLU A 57 27.36 11.52 -26.13
CA GLU A 57 28.58 10.99 -25.53
C GLU A 57 28.97 9.65 -26.13
N VAL A 58 28.05 8.69 -26.06
CA VAL A 58 28.31 7.35 -26.57
C VAL A 58 28.44 7.28 -28.08
N LEU A 59 27.80 8.19 -28.80
CA LEU A 59 27.92 8.20 -30.25
C LEU A 59 29.33 8.68 -30.59
N SER A 60 29.81 9.69 -29.87
CA SER A 60 31.16 10.21 -30.09
C SER A 60 32.22 9.22 -29.66
N LEU A 61 31.95 8.49 -28.58
CA LEU A 61 32.89 7.48 -28.09
C LEU A 61 32.99 6.36 -29.12
N GLY A 62 31.94 6.21 -29.92
CA GLY A 62 31.90 5.16 -30.91
C GLY A 62 31.46 3.87 -30.26
N LYS A 63 30.94 3.99 -29.04
CA LYS A 63 30.48 2.83 -28.28
C LYS A 63 29.05 2.44 -28.60
N LEU A 64 28.25 3.40 -29.08
CA LEU A 64 26.88 3.09 -29.47
C LEU A 64 26.64 3.37 -30.94
N LYS A 65 25.96 2.43 -31.59
CA LYS A 65 25.60 2.56 -32.99
C LYS A 65 24.17 2.05 -33.04
N VAL A 66 23.31 2.71 -33.83
CA VAL A 66 21.93 2.29 -33.95
C VAL A 66 21.65 1.89 -35.38
N THR A 67 20.70 0.98 -35.57
CA THR A 67 20.37 0.49 -36.89
C THR A 67 18.98 -0.11 -36.95
N ASP A 68 18.51 -0.38 -38.17
CA ASP A 68 17.20 -0.99 -38.37
C ASP A 68 17.37 -2.27 -39.19
N ARG A 69 18.63 -2.68 -39.34
CA ARG A 69 18.96 -3.90 -40.08
C ARG A 69 19.40 -5.02 -39.17
N VAL A 70 18.64 -6.11 -39.19
CA VAL A 70 18.92 -7.27 -38.37
C VAL A 70 20.34 -7.79 -38.52
N GLU A 71 20.85 -7.77 -39.75
CA GLU A 71 22.20 -8.26 -40.06
C GLU A 71 23.27 -7.64 -39.16
N ASP A 72 23.08 -6.38 -38.76
CA ASP A 72 24.07 -5.70 -37.92
C ASP A 72 24.15 -6.30 -36.51
N LEU A 73 23.21 -7.17 -36.18
CA LEU A 73 23.21 -7.77 -34.85
C LEU A 73 24.03 -9.05 -34.78
N LYS A 74 24.39 -9.59 -35.94
CA LYS A 74 25.20 -10.80 -36.00
C LYS A 74 26.54 -10.55 -35.31
N GLY A 75 26.91 -11.44 -34.39
CA GLY A 75 28.16 -11.28 -33.68
C GLY A 75 27.99 -10.72 -32.28
N SER A 76 26.75 -10.45 -31.90
CA SER A 76 26.49 -9.93 -30.56
C SER A 76 26.63 -11.06 -29.55
N ASN A 77 27.17 -10.73 -28.37
CA ASN A 77 27.36 -11.70 -27.31
C ASN A 77 26.13 -11.72 -26.42
N VAL A 78 25.44 -10.58 -26.38
CA VAL A 78 24.24 -10.42 -25.57
C VAL A 78 23.13 -9.75 -26.36
N PHE A 79 21.89 -10.19 -26.11
CA PHE A 79 20.72 -9.61 -26.77
C PHE A 79 19.75 -9.21 -25.67
N ILE A 80 19.44 -7.92 -25.59
CA ILE A 80 18.53 -7.42 -24.58
C ILE A 80 17.28 -6.89 -25.28
N ILE A 81 16.14 -7.52 -25.00
CA ILE A 81 14.88 -7.16 -25.61
C ILE A 81 14.06 -6.23 -24.72
N CYS A 82 13.74 -5.04 -25.23
CA CYS A 82 13.01 -4.04 -24.46
C CYS A 82 11.71 -3.60 -25.14
N VAL A 83 11.10 -4.50 -25.91
CA VAL A 83 9.87 -4.16 -26.62
C VAL A 83 8.64 -4.03 -25.72
N GLN A 84 7.61 -3.36 -26.23
CA GLN A 84 6.41 -3.16 -25.44
C GLN A 84 5.56 -4.42 -25.29
N THR A 85 4.79 -4.46 -24.21
CA THR A 85 3.90 -5.58 -23.92
C THR A 85 2.55 -5.07 -23.42
N PRO A 86 1.80 -4.38 -24.29
CA PRO A 86 0.49 -3.85 -23.93
C PRO A 86 -0.54 -4.97 -24.03
N LEU A 87 -1.81 -4.63 -23.84
CA LEU A 87 -2.85 -5.63 -23.94
C LEU A 87 -3.36 -5.70 -25.37
N SER A 88 -3.94 -6.84 -25.72
CA SER A 88 -4.54 -7.07 -27.03
C SER A 88 -5.94 -7.45 -26.60
N GLY A 89 -6.80 -6.44 -26.46
CA GLY A 89 -8.15 -6.70 -26.00
C GLY A 89 -7.98 -6.90 -24.51
N ASP A 90 -8.38 -8.06 -24.01
CA ASP A 90 -8.22 -8.34 -22.60
C ASP A 90 -7.06 -9.29 -22.36
N ASP A 91 -6.35 -9.64 -23.42
CA ASP A 91 -5.23 -10.56 -23.31
C ASP A 91 -3.91 -9.82 -23.52
N PRO A 92 -2.83 -10.33 -22.92
CA PRO A 92 -1.53 -9.69 -23.09
C PRO A 92 -1.09 -9.80 -24.56
N ASP A 93 -0.56 -8.72 -25.11
CA ASP A 93 -0.08 -8.74 -26.49
C ASP A 93 1.41 -9.02 -26.45
N LEU A 94 1.76 -10.27 -26.73
CA LEU A 94 3.16 -10.69 -26.74
C LEU A 94 3.72 -10.78 -28.16
N SER A 95 3.01 -10.20 -29.12
CA SER A 95 3.47 -10.24 -30.50
C SER A 95 4.78 -9.49 -30.73
N TYR A 96 4.95 -8.35 -30.05
CA TYR A 96 6.18 -7.59 -30.20
C TYR A 96 7.36 -8.40 -29.65
N LEU A 97 7.13 -9.05 -28.51
CA LEU A 97 8.15 -9.87 -27.88
C LEU A 97 8.52 -11.06 -28.75
N GLU A 98 7.51 -11.74 -29.30
CA GLU A 98 7.79 -12.90 -30.13
C GLU A 98 8.54 -12.50 -31.40
N ARG A 99 8.21 -11.34 -31.94
CA ARG A 99 8.87 -10.85 -33.15
C ARG A 99 10.34 -10.65 -32.84
N ALA A 100 10.63 -10.04 -31.70
CA ALA A 100 12.01 -9.78 -31.28
C ALA A 100 12.77 -11.08 -31.02
N ILE A 101 12.08 -12.05 -30.43
CA ILE A 101 12.70 -13.35 -30.15
C ILE A 101 13.08 -14.03 -31.45
N ARG A 102 12.20 -13.93 -32.44
CA ARG A 102 12.47 -14.56 -33.71
C ARG A 102 13.61 -13.87 -34.43
N THR A 103 13.75 -12.56 -34.21
CA THR A 103 14.84 -11.82 -34.84
C THR A 103 16.16 -12.26 -34.22
N VAL A 104 16.16 -12.43 -32.90
CA VAL A 104 17.36 -12.88 -32.22
C VAL A 104 17.74 -14.28 -32.71
N ALA A 105 16.73 -15.13 -32.92
CA ALA A 105 16.99 -16.49 -33.38
C ALA A 105 17.71 -16.49 -34.71
N GLU A 106 17.43 -15.50 -35.55
CA GLU A 106 18.04 -15.39 -36.87
C GLU A 106 19.55 -15.14 -36.84
N VAL A 107 20.02 -14.39 -35.84
CA VAL A 107 21.43 -14.06 -35.77
C VAL A 107 22.21 -14.60 -34.58
N MSE A 108 21.50 -15.20 -33.64
CA MSE A 108 22.15 -15.74 -32.44
C MSE A 108 23.15 -16.86 -32.71
O MSE A 108 22.99 -17.63 -33.66
CB MSE A 108 21.08 -16.24 -31.47
CG MSE A 108 21.58 -16.60 -30.10
SE MSE A 108 20.16 -17.37 -29.07
CE MSE A 108 20.55 -19.24 -29.38
N ASP A 109 24.20 -16.92 -31.89
CA ASP A 109 25.22 -17.96 -32.01
C ASP A 109 25.40 -18.63 -30.65
N ARG A 110 26.11 -19.75 -30.64
CA ARG A 110 26.37 -20.48 -29.39
C ARG A 110 27.05 -19.55 -28.40
N GLY A 111 26.66 -19.68 -27.13
CA GLY A 111 27.25 -18.85 -26.09
C GLY A 111 26.53 -17.54 -25.82
N ALA A 112 25.52 -17.23 -26.64
CA ALA A 112 24.78 -15.98 -26.47
C ALA A 112 23.93 -15.93 -25.21
N LEU A 113 23.79 -14.72 -24.68
CA LEU A 113 22.98 -14.48 -23.50
C LEU A 113 21.82 -13.62 -24.00
N VAL A 114 20.60 -14.09 -23.76
CA VAL A 114 19.42 -13.36 -24.19
C VAL A 114 18.71 -12.86 -22.93
N ILE A 115 18.51 -11.56 -22.83
CA ILE A 115 17.85 -10.96 -21.68
C ILE A 115 16.56 -10.30 -22.11
N ILE A 116 15.45 -10.66 -21.45
CA ILE A 116 14.16 -10.06 -21.75
C ILE A 116 13.87 -9.04 -20.66
N GLU A 117 13.85 -7.77 -21.05
CA GLU A 117 13.58 -6.68 -20.12
C GLU A 117 12.07 -6.39 -20.06
N SER A 118 11.36 -6.66 -21.15
CA SER A 118 9.92 -6.41 -21.23
C SER A 118 9.15 -7.04 -20.07
N THR A 119 8.13 -6.32 -19.58
CA THR A 119 7.29 -6.81 -18.49
C THR A 119 6.38 -7.90 -19.09
N ILE A 120 6.36 -9.07 -18.47
CA ILE A 120 5.59 -10.19 -19.03
C ILE A 120 4.89 -11.08 -18.02
N PRO A 121 3.83 -11.80 -18.45
CA PRO A 121 3.13 -12.68 -17.52
C PRO A 121 4.06 -13.81 -17.07
N PRO A 122 3.86 -14.35 -15.86
CA PRO A 122 4.72 -15.43 -15.39
C PRO A 122 4.71 -16.60 -16.38
N GLY A 123 5.88 -17.15 -16.65
CA GLY A 123 5.99 -18.28 -17.55
C GLY A 123 6.41 -17.89 -18.97
N THR A 124 6.36 -16.60 -19.27
CA THR A 124 6.71 -16.11 -20.59
C THR A 124 8.17 -16.33 -20.99
N THR A 125 9.09 -16.04 -20.08
CA THR A 125 10.51 -16.19 -20.38
C THR A 125 10.88 -17.61 -20.76
N GLU A 126 10.35 -18.57 -20.00
CA GLU A 126 10.62 -19.97 -20.28
C GLU A 126 10.05 -20.39 -21.62
N LYS A 127 8.88 -19.85 -21.96
CA LYS A 127 8.26 -20.16 -23.24
C LYS A 127 9.12 -19.63 -24.39
N MSE A 128 9.64 -18.42 -24.22
CA MSE A 128 10.49 -17.83 -25.25
C MSE A 128 11.81 -18.57 -25.36
O MSE A 128 12.41 -18.62 -26.45
CB MSE A 128 10.72 -16.35 -24.94
CG MSE A 128 9.45 -15.51 -25.05
SE MSE A 128 8.62 -15.59 -26.81
CE MSE A 128 7.48 -17.11 -26.56
N ALA A 129 12.29 -19.15 -24.25
CA ALA A 129 13.54 -19.90 -24.27
C ALA A 129 13.29 -21.17 -25.07
N ARG A 130 12.13 -21.78 -24.86
CA ARG A 130 11.77 -22.99 -25.59
C ARG A 130 11.66 -22.66 -27.08
N LEU A 131 11.16 -21.47 -27.40
CA LEU A 131 11.01 -21.06 -28.80
C LEU A 131 12.39 -20.91 -29.44
N LEU A 132 13.32 -20.30 -28.71
CA LEU A 132 14.66 -20.12 -29.23
C LEU A 132 15.29 -21.47 -29.53
N GLU A 133 15.10 -22.42 -28.62
CA GLU A 133 15.65 -23.76 -28.79
C GLU A 133 15.08 -24.40 -30.06
N ASN A 134 13.77 -24.26 -30.25
CA ASN A 134 13.13 -24.84 -31.42
C ASN A 134 13.57 -24.22 -32.74
N LEU A 135 13.88 -22.92 -32.73
CA LEU A 135 14.30 -22.24 -33.94
C LEU A 135 15.80 -22.36 -34.23
N THR A 136 16.60 -22.67 -33.22
CA THR A 136 18.04 -22.78 -33.41
C THR A 136 18.62 -24.17 -33.31
N GLY A 137 17.93 -25.05 -32.59
CA GLY A 137 18.44 -26.40 -32.41
C GLY A 137 19.38 -26.46 -31.24
N LEU A 138 19.51 -25.33 -30.54
CA LEU A 138 20.38 -25.23 -29.38
C LEU A 138 19.62 -25.48 -28.08
N ARG A 139 20.35 -25.60 -26.98
CA ARG A 139 19.73 -25.85 -25.68
C ARG A 139 20.07 -24.78 -24.64
N GLU A 140 19.04 -24.19 -24.03
CA GLU A 140 19.24 -23.16 -23.02
C GLU A 140 19.98 -23.77 -21.83
N GLY A 141 20.91 -23.01 -21.26
CA GLY A 141 21.67 -23.51 -20.13
C GLY A 141 22.91 -24.27 -20.54
N VAL A 142 23.04 -24.55 -21.82
CA VAL A 142 24.19 -25.29 -22.35
C VAL A 142 24.80 -24.59 -23.56
N ASP A 143 23.97 -24.31 -24.56
CA ASP A 143 24.42 -23.65 -25.79
C ASP A 143 24.19 -22.14 -25.77
N PHE A 144 23.21 -21.71 -25.00
CA PHE A 144 22.90 -20.29 -24.87
C PHE A 144 22.17 -20.09 -23.55
N TYR A 145 21.96 -18.85 -23.15
CA TYR A 145 21.33 -18.57 -21.87
C TYR A 145 20.25 -17.52 -21.97
N VAL A 146 19.20 -17.70 -21.17
CA VAL A 146 18.09 -16.76 -21.17
C VAL A 146 17.75 -16.30 -19.76
N ALA A 147 17.52 -15.00 -19.62
CA ALA A 147 17.16 -14.44 -18.33
C ALA A 147 16.17 -13.30 -18.51
N HIS A 148 15.47 -12.98 -17.44
CA HIS A 148 14.50 -11.90 -17.40
C HIS A 148 15.07 -10.87 -16.43
N ALA A 149 15.24 -9.64 -16.91
CA ALA A 149 15.77 -8.55 -16.10
C ALA A 149 14.79 -7.38 -16.21
N PRO A 150 13.66 -7.46 -15.52
CA PRO A 150 12.66 -6.40 -15.58
C PRO A 150 13.21 -5.08 -15.03
N GLU A 151 12.72 -3.97 -15.56
CA GLU A 151 13.15 -2.65 -15.11
C GLU A 151 12.33 -2.16 -13.92
N ARG A 152 12.81 -1.08 -13.31
CA ARG A 152 12.14 -0.46 -12.18
C ARG A 152 12.23 1.06 -12.29
N VAL A 153 12.90 1.52 -13.34
CA VAL A 153 13.08 2.95 -13.55
C VAL A 153 11.77 3.72 -13.73
N MSE A 154 11.79 4.95 -13.23
CA MSE A 154 10.67 5.87 -13.30
C MSE A 154 10.96 6.90 -14.39
O MSE A 154 11.96 7.59 -14.34
CB MSE A 154 10.54 6.59 -11.95
CG MSE A 154 9.70 7.84 -11.99
SE MSE A 154 7.87 7.42 -12.37
CE MSE A 154 7.40 6.79 -10.61
N PRO A 155 10.07 7.01 -15.40
CA PRO A 155 10.31 7.99 -16.45
C PRO A 155 10.52 9.37 -15.82
N GLY A 156 11.55 10.07 -16.28
CA GLY A 156 11.87 11.38 -15.73
C GLY A 156 13.06 11.29 -14.80
N ARG A 157 13.41 10.08 -14.38
CA ARG A 157 14.54 9.83 -13.48
C ARG A 157 15.25 8.55 -13.91
N ILE A 158 15.13 8.20 -15.18
CA ILE A 158 15.70 6.95 -15.68
C ILE A 158 17.21 6.73 -15.52
N PHE A 159 18.04 7.66 -15.95
CA PHE A 159 19.47 7.45 -15.82
C PHE A 159 19.95 7.34 -14.38
N LYS A 160 19.34 8.11 -13.49
CA LYS A 160 19.74 8.04 -12.09
C LYS A 160 19.31 6.69 -11.51
N GLU A 161 18.05 6.33 -11.72
CA GLU A 161 17.53 5.08 -11.19
C GLU A 161 18.15 3.83 -11.81
N LEU A 162 18.58 3.92 -13.06
CA LEU A 162 19.23 2.77 -13.70
C LEU A 162 20.41 2.34 -12.84
N VAL A 163 21.12 3.33 -12.31
CA VAL A 163 22.28 3.09 -11.47
C VAL A 163 21.97 2.75 -10.03
N TYR A 164 21.11 3.55 -9.39
CA TYR A 164 20.81 3.35 -7.99
C TYR A 164 19.75 2.36 -7.55
N ASN A 165 18.80 2.04 -8.43
CA ASN A 165 17.76 1.09 -8.05
C ASN A 165 18.35 -0.30 -7.84
N SER A 166 17.80 -1.03 -6.87
CA SER A 166 18.20 -2.41 -6.68
C SER A 166 17.33 -3.08 -7.73
N ARG A 167 17.74 -4.23 -8.24
CA ARG A 167 16.95 -4.89 -9.27
C ARG A 167 16.98 -6.41 -9.14
N ILE A 168 16.07 -7.06 -9.88
CA ILE A 168 15.93 -8.51 -9.86
C ILE A 168 16.26 -9.12 -11.22
N ILE A 169 16.92 -10.27 -11.21
CA ILE A 169 17.24 -10.97 -12.44
C ILE A 169 16.83 -12.43 -12.26
N GLY A 170 15.95 -12.90 -13.13
CA GLY A 170 15.49 -14.28 -13.05
C GLY A 170 16.01 -15.09 -14.22
N GLY A 171 16.83 -16.09 -13.93
CA GLY A 171 17.37 -16.89 -14.99
C GLY A 171 16.60 -18.17 -15.30
N VAL A 172 16.52 -18.54 -16.57
CA VAL A 172 15.85 -19.77 -16.95
C VAL A 172 16.76 -20.86 -16.41
N SER A 173 18.05 -20.54 -16.37
CA SER A 173 19.08 -21.41 -15.85
C SER A 173 19.86 -20.53 -14.88
N GLU A 174 20.53 -21.14 -13.92
CA GLU A 174 21.30 -20.36 -12.96
C GLU A 174 22.41 -19.56 -13.64
N LYS A 175 23.10 -20.20 -14.58
CA LYS A 175 24.19 -19.53 -15.28
C LYS A 175 23.72 -18.29 -16.03
N ALA A 176 22.48 -18.31 -16.53
CA ALA A 176 21.96 -17.17 -17.24
C ALA A 176 21.88 -15.97 -16.31
N ALA A 177 21.40 -16.22 -15.09
CA ALA A 177 21.29 -15.16 -14.10
C ALA A 177 22.66 -14.64 -13.70
N ASN A 178 23.63 -15.54 -13.56
CA ASN A 178 24.98 -15.16 -13.17
C ASN A 178 25.66 -14.33 -14.24
N LEU A 179 25.46 -14.72 -15.50
CA LEU A 179 26.05 -14.00 -16.63
C LEU A 179 25.46 -12.60 -16.73
N ALA A 180 24.14 -12.51 -16.54
CA ALA A 180 23.46 -11.23 -16.61
C ALA A 180 23.90 -10.30 -15.47
N GLU A 181 24.03 -10.85 -14.26
CA GLU A 181 24.45 -10.04 -13.12
C GLU A 181 25.78 -9.34 -13.40
N LYS A 182 26.74 -10.07 -13.93
CA LYS A 182 28.06 -9.49 -14.23
C LYS A 182 27.93 -8.33 -15.19
N LEU A 183 26.98 -8.44 -16.12
CA LEU A 183 26.76 -7.41 -17.11
C LEU A 183 26.24 -6.12 -16.48
N TYR A 184 25.16 -6.23 -15.71
CA TYR A 184 24.57 -5.06 -15.07
C TYR A 184 25.46 -4.43 -14.01
N ARG A 185 26.36 -5.21 -13.43
CA ARG A 185 27.24 -4.67 -12.40
C ARG A 185 28.14 -3.58 -12.98
N SER A 186 28.16 -3.45 -14.30
CA SER A 186 28.99 -2.42 -14.93
C SER A 186 28.50 -1.01 -14.60
N PHE A 187 27.25 -0.88 -14.17
CA PHE A 187 26.72 0.45 -13.81
C PHE A 187 25.77 0.44 -12.62
N VAL A 188 25.21 -0.73 -12.29
CA VAL A 188 24.28 -0.80 -11.18
C VAL A 188 24.97 -0.79 -9.82
N LYS A 189 24.62 0.19 -8.98
CA LYS A 189 25.20 0.31 -7.65
C LYS A 189 24.23 -0.21 -6.61
N GLY A 190 22.97 -0.35 -6.99
CA GLY A 190 21.99 -0.89 -6.07
C GLY A 190 22.25 -2.38 -6.02
N ARG A 191 21.54 -3.11 -5.16
CA ARG A 191 21.75 -4.55 -5.06
C ARG A 191 21.12 -5.29 -6.24
N ILE A 192 21.71 -6.41 -6.61
CA ILE A 192 21.17 -7.23 -7.69
C ILE A 192 20.84 -8.59 -7.08
N PHE A 193 19.56 -8.95 -7.11
CA PHE A 193 19.08 -10.21 -6.57
C PHE A 193 18.77 -11.21 -7.67
N LEU A 194 19.30 -12.42 -7.53
CA LEU A 194 19.08 -13.47 -8.52
C LEU A 194 18.06 -14.49 -8.05
N THR A 195 17.17 -14.87 -8.96
CA THR A 195 16.12 -15.84 -8.66
C THR A 195 15.80 -16.57 -9.97
N ASN A 196 14.66 -17.25 -10.04
CA ASN A 196 14.30 -17.92 -11.29
C ASN A 196 13.41 -17.00 -12.12
N ALA A 197 13.20 -17.35 -13.38
CA ALA A 197 12.41 -16.54 -14.28
C ALA A 197 11.00 -16.21 -13.81
N THR A 198 10.24 -17.25 -13.44
CA THR A 198 8.87 -17.03 -13.01
C THR A 198 8.75 -16.11 -11.79
N THR A 199 9.66 -16.25 -10.84
CA THR A 199 9.59 -15.40 -9.66
C THR A 199 9.89 -13.95 -10.05
N ALA A 200 10.88 -13.75 -10.92
CA ALA A 200 11.22 -12.39 -11.36
C ALA A 200 10.04 -11.78 -12.10
N GLU A 201 9.39 -12.57 -12.95
CA GLU A 201 8.25 -12.07 -13.71
C GLU A 201 7.12 -11.66 -12.78
N MSE A 202 6.80 -12.51 -11.81
CA MSE A 202 5.73 -12.18 -10.89
C MSE A 202 6.07 -10.98 -10.01
O MSE A 202 5.23 -10.14 -9.75
CB MSE A 202 5.36 -13.38 -10.02
CG MSE A 202 4.01 -13.21 -9.34
SE MSE A 202 3.56 -14.63 -8.10
CE MSE A 202 2.06 -13.80 -7.26
N VAL A 203 7.33 -10.92 -9.56
CA VAL A 203 7.76 -9.80 -8.73
C VAL A 203 7.53 -8.46 -9.42
N LYS A 204 7.97 -8.35 -10.67
CA LYS A 204 7.79 -7.11 -11.42
C LYS A 204 6.32 -6.71 -11.48
N LEU A 205 5.45 -7.66 -11.79
CA LEU A 205 4.02 -7.38 -11.87
C LEU A 205 3.45 -7.00 -10.51
N MSE A 206 3.97 -7.63 -9.45
CA MSE A 206 3.52 -7.35 -8.09
C MSE A 206 3.88 -5.92 -7.68
O MSE A 206 3.11 -5.27 -6.97
CB MSE A 206 4.15 -8.35 -7.11
CG MSE A 206 3.49 -9.73 -7.11
SE MSE A 206 4.58 -11.05 -6.23
CE MSE A 206 4.75 -10.23 -4.51
N GLU A 207 5.04 -5.44 -8.13
CA GLU A 207 5.47 -4.08 -7.83
C GLU A 207 4.45 -3.08 -8.37
N ASN A 208 4.13 -3.23 -9.65
CA ASN A 208 3.20 -2.32 -10.29
C ASN A 208 1.75 -2.48 -9.84
N THR A 209 1.36 -3.70 -9.49
CA THR A 209 0.00 -3.93 -9.03
C THR A 209 -0.13 -3.31 -7.63
N PHE A 210 0.92 -3.41 -6.82
CA PHE A 210 0.90 -2.80 -5.50
C PHE A 210 0.62 -1.30 -5.66
N ARG A 211 1.29 -0.70 -6.64
CA ARG A 211 1.14 0.73 -6.89
C ARG A 211 -0.28 1.06 -7.36
N ASP A 212 -0.78 0.31 -8.32
CA ASP A 212 -2.11 0.53 -8.86
C ASP A 212 -3.19 0.37 -7.80
N VAL A 213 -3.08 -0.69 -7.00
CA VAL A 213 -4.05 -0.95 -5.94
C VAL A 213 -4.02 0.16 -4.90
N ASN A 214 -2.83 0.64 -4.56
CA ASN A 214 -2.73 1.70 -3.58
C ASN A 214 -3.29 3.03 -4.08
N ILE A 215 -3.21 3.28 -5.38
CA ILE A 215 -3.79 4.50 -5.92
C ILE A 215 -5.31 4.35 -5.81
N ALA A 216 -5.81 3.14 -6.07
CA ALA A 216 -7.25 2.88 -5.99
C ALA A 216 -7.74 3.10 -4.56
N LEU A 217 -6.97 2.66 -3.58
CA LEU A 217 -7.39 2.87 -2.21
C LEU A 217 -7.42 4.37 -1.93
N ALA A 218 -6.43 5.09 -2.45
CA ALA A 218 -6.37 6.53 -2.25
C ALA A 218 -7.61 7.20 -2.85
N ASN A 219 -8.05 6.71 -4.01
CA ASN A 219 -9.23 7.27 -4.65
C ASN A 219 -10.48 6.97 -3.83
N GLU A 220 -10.54 5.80 -3.21
CA GLU A 220 -11.71 5.52 -2.38
C GLU A 220 -11.67 6.47 -1.16
N PHE A 221 -10.48 6.74 -0.62
CA PHE A 221 -10.41 7.69 0.49
C PHE A 221 -10.90 9.06 0.00
N ALA A 222 -10.62 9.38 -1.27
CA ALA A 222 -11.05 10.66 -1.83
C ALA A 222 -12.59 10.74 -1.85
N LEU A 223 -13.23 9.64 -2.24
CA LEU A 223 -14.69 9.61 -2.26
C LEU A 223 -15.22 9.82 -0.85
N LEU A 224 -14.62 9.13 0.11
CA LEU A 224 -15.04 9.25 1.50
C LEU A 224 -14.79 10.65 2.06
N ALA A 225 -13.71 11.29 1.63
CA ALA A 225 -13.36 12.63 2.09
C ALA A 225 -14.49 13.63 1.80
N HIS A 226 -15.12 13.48 0.64
CA HIS A 226 -16.21 14.37 0.27
C HIS A 226 -17.34 14.34 1.27
N GLN A 227 -17.65 13.13 1.75
CA GLN A 227 -18.73 12.94 2.70
C GLN A 227 -18.37 13.34 4.13
N TYR A 228 -17.09 13.29 4.47
CA TYR A 228 -16.67 13.65 5.82
C TYR A 228 -16.10 15.07 5.96
N GLY A 229 -16.21 15.88 4.90
CA GLY A 229 -15.74 17.25 4.95
C GLY A 229 -14.23 17.37 5.13
N VAL A 230 -13.50 16.48 4.47
CA VAL A 230 -12.05 16.44 4.59
C VAL A 230 -11.31 16.68 3.27
N ASN A 231 -10.15 17.32 3.37
CA ASN A 231 -9.29 17.53 2.21
C ASN A 231 -8.44 16.27 2.16
N VAL A 232 -8.76 15.36 1.26
CA VAL A 232 -8.04 14.09 1.20
C VAL A 232 -6.52 14.22 1.02
N TYR A 233 -6.07 15.25 0.32
CA TYR A 233 -4.64 15.42 0.10
C TYR A 233 -3.97 15.79 1.42
N GLU A 234 -4.66 16.57 2.24
CA GLU A 234 -4.12 16.97 3.55
C GLU A 234 -4.11 15.73 4.44
N ALA A 235 -5.19 14.97 4.40
CA ALA A 235 -5.31 13.76 5.20
C ALA A 235 -4.20 12.76 4.88
N ILE A 236 -3.87 12.64 3.59
CA ILE A 236 -2.84 11.72 3.16
C ILE A 236 -1.45 12.16 3.62
N GLU A 237 -1.16 13.45 3.51
CA GLU A 237 0.14 13.95 3.96
C GLU A 237 0.28 13.68 5.46
N LEU A 238 -0.81 13.91 6.20
CA LEU A 238 -0.79 13.68 7.64
C LEU A 238 -0.62 12.21 7.97
N ALA A 239 -1.40 11.37 7.28
CA ALA A 239 -1.35 9.93 7.50
C ALA A 239 0.03 9.38 7.20
N ASN A 240 0.67 9.91 6.16
CA ASN A 240 1.98 9.43 5.74
C ASN A 240 3.15 9.76 6.66
N THR A 241 2.88 10.44 7.78
CA THR A 241 3.92 10.74 8.74
C THR A 241 3.96 9.58 9.73
N HIS A 242 3.03 8.63 9.55
CA HIS A 242 2.97 7.45 10.41
C HIS A 242 4.14 6.60 9.92
N PRO A 243 4.87 5.96 10.85
CA PRO A 243 6.02 5.13 10.47
C PRO A 243 5.78 3.95 9.55
N ARG A 244 4.53 3.50 9.44
CA ARG A 244 4.22 2.34 8.62
C ARG A 244 3.19 2.62 7.53
N VAL A 245 2.96 3.89 7.23
CA VAL A 245 1.95 4.25 6.22
C VAL A 245 2.46 5.15 5.09
N LYS A 246 2.13 4.80 3.86
CA LYS A 246 2.52 5.61 2.71
C LYS A 246 1.43 5.51 1.63
N ILE A 247 0.32 6.16 1.93
CA ILE A 247 -0.82 6.19 1.04
C ILE A 247 -0.47 6.94 -0.23
N HIS A 248 -0.89 6.39 -1.36
CA HIS A 248 -0.63 6.99 -2.66
C HIS A 248 -1.52 8.20 -2.96
N THR A 249 -1.42 8.73 -4.17
CA THR A 249 -2.17 9.94 -4.51
C THR A 249 -3.36 9.73 -5.44
N PRO A 250 -4.56 10.18 -5.00
CA PRO A 250 -5.79 10.04 -5.79
C PRO A 250 -5.82 11.11 -6.87
N GLY A 251 -6.73 10.96 -7.82
CA GLY A 251 -6.81 11.94 -8.90
C GLY A 251 -7.72 11.50 -10.01
N ILE A 252 -7.73 12.27 -11.09
CA ILE A 252 -8.59 12.01 -12.23
C ILE A 252 -8.35 10.65 -12.90
N GLY A 253 -7.20 10.05 -12.65
CA GLY A 253 -6.95 8.75 -13.27
C GLY A 253 -5.52 8.25 -13.32
N VAL A 254 -5.37 7.03 -13.80
CA VAL A 254 -4.07 6.38 -13.91
C VAL A 254 -3.76 6.04 -15.36
N GLY A 255 -2.74 6.72 -15.89
CA GLY A 255 -2.34 6.49 -17.28
C GLY A 255 -0.94 5.91 -17.40
N GLY A 256 -0.34 6.08 -18.57
CA GLY A 256 0.99 5.55 -18.79
C GLY A 256 0.99 4.21 -19.49
N HIS A 257 2.18 3.66 -19.69
CA HIS A 257 2.32 2.38 -20.38
C HIS A 257 2.29 1.17 -19.46
N CYS A 258 2.21 1.39 -18.16
CA CYS A 258 2.31 0.27 -17.22
C CYS A 258 1.18 -0.08 -16.28
N LEU A 259 0.82 0.83 -15.41
CA LEU A 259 -0.24 0.55 -14.44
C LEU A 259 -1.59 0.15 -15.05
N PRO A 260 -1.95 0.72 -16.20
CA PRO A 260 -3.23 0.34 -16.79
C PRO A 260 -3.31 -1.10 -17.29
N LYS A 261 -2.17 -1.77 -17.45
CA LYS A 261 -2.21 -3.12 -17.97
C LYS A 261 -1.44 -4.19 -17.22
N ASP A 262 -0.40 -3.81 -16.50
CA ASP A 262 0.35 -4.83 -15.77
C ASP A 262 -0.51 -5.65 -14.80
N PRO A 263 -1.51 -5.02 -14.14
CA PRO A 263 -2.32 -5.83 -13.23
C PRO A 263 -3.05 -6.92 -14.02
N TYR A 264 -3.46 -6.58 -15.24
CA TYR A 264 -4.14 -7.55 -16.09
C TYR A 264 -3.19 -8.66 -16.54
N LEU A 265 -1.92 -8.30 -16.76
CA LEU A 265 -0.93 -9.30 -17.14
C LEU A 265 -0.77 -10.30 -15.99
N LEU A 266 -0.82 -9.80 -14.76
CA LEU A 266 -0.68 -10.66 -13.58
C LEU A 266 -1.84 -11.64 -13.44
N LEU A 267 -3.03 -11.20 -13.82
CA LEU A 267 -4.21 -12.06 -13.71
C LEU A 267 -4.47 -12.90 -14.94
N SER A 268 -3.89 -12.50 -16.07
CA SER A 268 -4.10 -13.17 -17.35
C SER A 268 -4.21 -14.69 -17.36
N ASN A 269 -3.23 -15.39 -16.79
CA ASN A 269 -3.28 -16.84 -16.81
C ASN A 269 -3.77 -17.50 -15.53
N ALA A 270 -4.24 -16.70 -14.58
CA ALA A 270 -4.73 -17.23 -13.32
C ALA A 270 -6.14 -17.78 -13.47
N LYS A 271 -6.36 -19.00 -12.99
CA LYS A 271 -7.68 -19.62 -13.07
C LYS A 271 -8.50 -19.29 -11.83
N GLU A 272 -7.86 -18.64 -10.87
CA GLU A 272 -8.55 -18.26 -9.64
C GLU A 272 -7.92 -17.01 -9.03
N ASP A 273 -8.77 -16.10 -8.57
CA ASP A 273 -8.30 -14.88 -7.94
C ASP A 273 -9.34 -14.47 -6.91
N PHE A 274 -9.09 -13.39 -6.17
CA PHE A 274 -10.05 -12.93 -5.18
C PHE A 274 -10.87 -11.79 -5.77
N GLY A 275 -10.25 -11.04 -6.68
CA GLY A 275 -10.93 -9.93 -7.31
C GLY A 275 -10.55 -8.55 -6.81
N LEU A 276 -9.63 -8.49 -5.86
CA LEU A 276 -9.19 -7.21 -5.30
C LEU A 276 -8.41 -6.42 -6.36
N ILE A 277 -7.52 -7.11 -7.06
CA ILE A 277 -6.75 -6.44 -8.11
C ILE A 277 -7.71 -5.94 -9.18
N ARG A 278 -8.74 -6.73 -9.48
CA ARG A 278 -9.72 -6.34 -10.49
C ARG A 278 -10.53 -5.13 -10.07
N ILE A 279 -10.99 -5.09 -8.83
CA ILE A 279 -11.80 -3.95 -8.43
C ILE A 279 -10.96 -2.67 -8.33
N ALA A 280 -9.69 -2.82 -8.00
CA ALA A 280 -8.81 -1.65 -7.91
C ALA A 280 -8.69 -1.05 -9.32
N ARG A 281 -8.56 -1.91 -10.32
CA ARG A 281 -8.48 -1.45 -11.71
C ARG A 281 -9.77 -0.70 -12.07
N ARG A 282 -10.92 -1.29 -11.73
CA ARG A 282 -12.19 -0.64 -12.04
C ARG A 282 -12.28 0.73 -11.37
N ILE A 283 -11.79 0.81 -10.13
CA ILE A 283 -11.83 2.08 -9.42
C ILE A 283 -11.01 3.14 -10.16
N ASN A 284 -9.77 2.82 -10.51
CA ASN A 284 -8.95 3.81 -11.20
C ASN A 284 -9.53 4.17 -12.57
N GLU A 285 -10.06 3.16 -13.25
CA GLU A 285 -10.65 3.37 -14.58
C GLU A 285 -11.88 4.28 -14.55
N ARG A 286 -12.57 4.33 -13.42
CA ARG A 286 -13.76 5.17 -13.32
C ARG A 286 -13.52 6.60 -12.80
N MSE A 287 -12.27 6.98 -12.55
CA MSE A 287 -12.08 8.33 -12.03
C MSE A 287 -12.34 9.45 -13.04
O MSE A 287 -12.74 10.54 -12.65
CB MSE A 287 -10.71 8.51 -11.37
CG MSE A 287 -10.67 9.70 -10.39
SE MSE A 287 -11.31 9.43 -8.55
CE MSE A 287 -11.95 7.67 -8.79
N PRO A 288 -12.10 9.21 -14.35
CA PRO A 288 -12.39 10.31 -15.27
C PRO A 288 -13.89 10.62 -15.18
N ALA A 289 -14.72 9.59 -15.03
CA ALA A 289 -16.16 9.78 -14.88
C ALA A 289 -16.47 10.48 -13.57
N PHE A 290 -15.66 10.21 -12.55
CA PHE A 290 -15.88 10.85 -11.26
C PHE A 290 -15.72 12.35 -11.45
N ALA A 291 -14.68 12.74 -12.18
CA ALA A 291 -14.41 14.14 -12.46
C ALA A 291 -15.54 14.74 -13.28
N ALA A 292 -16.08 13.97 -14.22
CA ALA A 292 -17.18 14.43 -15.05
C ALA A 292 -18.36 14.79 -14.15
N GLY A 293 -18.61 13.95 -13.16
CA GLY A 293 -19.70 14.20 -12.23
C GLY A 293 -19.53 15.53 -11.50
N LEU A 294 -18.29 15.87 -11.13
CA LEU A 294 -18.04 17.13 -10.43
C LEU A 294 -18.29 18.30 -11.37
N LEU A 295 -17.90 18.13 -12.63
CA LEU A 295 -18.09 19.18 -13.62
C LEU A 295 -19.57 19.52 -13.80
N PHE A 296 -20.39 18.50 -14.00
CA PHE A 296 -21.80 18.75 -14.20
C PHE A 296 -22.48 19.29 -12.96
N GLU A 297 -21.99 18.90 -11.79
CA GLU A 297 -22.57 19.39 -10.55
C GLU A 297 -22.28 20.89 -10.45
N ALA A 298 -21.08 21.29 -10.88
CA ALA A 298 -20.69 22.68 -10.85
C ALA A 298 -21.45 23.52 -11.87
N LEU A 299 -21.60 22.98 -13.09
CA LEU A 299 -22.33 23.69 -14.13
C LEU A 299 -23.76 23.96 -13.69
N GLU A 300 -24.35 22.99 -13.00
CA GLU A 300 -25.72 23.13 -12.53
C GLU A 300 -25.82 24.20 -11.45
N LYS A 301 -24.78 24.26 -10.61
CA LYS A 301 -24.73 25.24 -9.53
C LYS A 301 -24.72 26.64 -10.11
N ALA A 302 -24.00 26.81 -11.22
CA ALA A 302 -23.89 28.10 -11.89
C ALA A 302 -25.04 28.33 -12.86
N ASN A 303 -26.00 27.42 -12.88
CA ASN A 303 -27.15 27.52 -13.77
C ASN A 303 -26.72 27.63 -15.24
N ILE A 304 -25.74 26.83 -15.62
CA ILE A 304 -25.23 26.83 -16.99
C ILE A 304 -25.75 25.62 -17.76
N LYS A 305 -26.36 25.86 -18.91
CA LYS A 305 -26.88 24.78 -19.74
C LYS A 305 -25.71 24.00 -20.33
N PRO A 306 -25.64 22.69 -20.06
CA PRO A 306 -24.55 21.86 -20.58
C PRO A 306 -24.40 21.95 -22.11
N SER A 307 -25.53 21.92 -22.82
CA SER A 307 -25.52 21.99 -24.28
C SER A 307 -24.91 23.27 -24.84
N GLU A 308 -24.67 24.25 -23.98
CA GLU A 308 -24.08 25.51 -24.40
C GLU A 308 -22.75 25.78 -23.72
N ALA A 309 -22.34 24.87 -22.84
CA ALA A 309 -21.10 25.03 -22.08
C ALA A 309 -19.81 24.80 -22.87
N ILE A 310 -18.83 25.64 -22.59
CA ILE A 310 -17.51 25.56 -23.21
C ILE A 310 -16.56 25.13 -22.11
N ILE A 311 -15.92 23.98 -22.30
CA ILE A 311 -15.02 23.44 -21.31
C ILE A 311 -13.56 23.51 -21.72
N ALA A 312 -12.71 24.00 -20.83
CA ALA A 312 -11.28 24.09 -21.10
C ALA A 312 -10.58 23.03 -20.27
N VAL A 313 -10.05 22.01 -20.94
CA VAL A 313 -9.35 20.94 -20.25
C VAL A 313 -7.86 21.28 -20.25
N LEU A 314 -7.28 21.41 -19.07
CA LEU A 314 -5.86 21.74 -18.95
C LEU A 314 -5.05 20.47 -18.72
N GLY A 315 -4.27 20.09 -19.74
CA GLY A 315 -3.46 18.89 -19.64
C GLY A 315 -3.99 17.75 -20.46
N LEU A 316 -3.09 17.10 -21.19
CA LEU A 316 -3.43 15.96 -22.04
C LEU A 316 -2.50 14.77 -21.74
N ALA A 317 -1.27 15.06 -21.33
CA ALA A 317 -0.29 14.02 -21.02
C ALA A 317 -0.82 13.19 -19.85
N TYR A 318 -0.33 11.96 -19.71
CA TYR A 318 -0.81 11.09 -18.64
C TYR A 318 -0.32 11.48 -17.26
N LYS A 319 0.66 12.37 -17.19
CA LYS A 319 1.19 12.87 -15.93
C LYS A 319 1.99 14.13 -16.23
N GLY A 320 2.26 14.93 -15.20
CA GLY A 320 2.98 16.17 -15.39
C GLY A 320 4.42 16.03 -15.86
N GLY A 321 4.86 16.97 -16.69
CA GLY A 321 6.24 16.95 -17.16
C GLY A 321 6.57 16.14 -18.39
N THR A 322 5.56 15.48 -18.98
CA THR A 322 5.82 14.69 -20.18
C THR A 322 4.89 15.09 -21.33
N ASP A 323 5.25 14.65 -22.52
CA ASP A 323 4.46 14.94 -23.72
C ASP A 323 3.71 13.68 -24.13
N ASP A 324 3.88 12.63 -23.34
CA ASP A 324 3.27 11.34 -23.60
C ASP A 324 1.81 11.30 -23.13
N THR A 325 0.92 10.86 -24.01
CA THR A 325 -0.50 10.78 -23.67
C THR A 325 -1.00 9.35 -23.57
N ARG A 326 -0.09 8.38 -23.57
CA ARG A 326 -0.47 6.97 -23.49
C ARG A 326 -1.43 6.69 -22.34
N ASN A 327 -2.61 6.16 -22.68
CA ASN A 327 -3.64 5.81 -21.69
C ASN A 327 -3.96 6.96 -20.75
N SER A 328 -3.76 8.18 -21.20
CA SER A 328 -4.02 9.34 -20.36
C SER A 328 -5.47 9.49 -19.89
N PRO A 329 -5.67 9.72 -18.59
CA PRO A 329 -7.04 9.90 -18.12
C PRO A 329 -7.69 11.17 -18.66
N ALA A 330 -6.87 12.12 -19.13
CA ALA A 330 -7.40 13.36 -19.68
C ALA A 330 -8.12 13.05 -20.99
N LEU A 331 -7.56 12.15 -21.79
CA LEU A 331 -8.18 11.77 -23.06
C LEU A 331 -9.50 11.07 -22.79
N LYS A 332 -9.53 10.22 -21.77
CA LYS A 332 -10.75 9.51 -21.43
C LYS A 332 -11.80 10.52 -20.98
N PHE A 333 -11.36 11.51 -20.22
CA PHE A 333 -12.28 12.54 -19.73
C PHE A 333 -12.93 13.28 -20.89
N VAL A 334 -12.13 13.66 -21.88
CA VAL A 334 -12.65 14.38 -23.04
C VAL A 334 -13.68 13.51 -23.74
N GLU A 335 -13.36 12.23 -23.89
CA GLU A 335 -14.26 11.28 -24.55
C GLU A 335 -15.60 11.19 -23.83
N ILE A 336 -15.56 11.26 -22.51
CA ILE A 336 -16.78 11.19 -21.72
C ILE A 336 -17.71 12.39 -21.85
N ILE A 337 -17.15 13.59 -21.87
CA ILE A 337 -17.97 14.79 -21.94
C ILE A 337 -18.21 15.46 -23.30
N ARG A 338 -17.45 15.07 -24.32
CA ARG A 338 -17.59 15.68 -25.64
C ARG A 338 -19.01 15.80 -26.19
N ASN A 339 -19.82 14.77 -26.02
CA ASN A 339 -21.19 14.78 -26.53
C ASN A 339 -22.23 15.30 -25.53
N SER A 340 -21.76 15.82 -24.40
CA SER A 340 -22.66 16.35 -23.39
C SER A 340 -22.54 17.86 -23.26
N VAL A 341 -21.52 18.43 -23.89
CA VAL A 341 -21.31 19.86 -23.86
C VAL A 341 -21.16 20.41 -25.27
N LYS A 342 -21.21 21.74 -25.40
CA LYS A 342 -21.10 22.35 -26.73
C LYS A 342 -19.70 22.34 -27.31
N GLU A 343 -18.70 22.60 -26.48
CA GLU A 343 -17.33 22.67 -26.97
C GLU A 343 -16.33 22.22 -25.91
N VAL A 344 -15.34 21.43 -26.33
CA VAL A 344 -14.30 20.96 -25.43
C VAL A 344 -12.96 21.42 -25.97
N ARG A 345 -12.33 22.34 -25.25
CA ARG A 345 -11.03 22.87 -25.66
C ARG A 345 -9.97 22.16 -24.82
N THR A 346 -8.76 22.08 -25.36
CA THR A 346 -7.66 21.44 -24.65
C THR A 346 -6.37 22.23 -24.80
N TYR A 347 -5.56 22.21 -23.75
CA TYR A 347 -4.27 22.89 -23.77
C TYR A 347 -3.26 22.11 -22.94
N ASP A 348 -2.08 21.90 -23.52
CA ASP A 348 -1.01 21.20 -22.84
C ASP A 348 0.29 21.84 -23.32
N PRO A 349 1.16 22.25 -22.40
CA PRO A 349 2.42 22.88 -22.78
C PRO A 349 3.39 21.96 -23.53
N TYR A 350 3.16 20.64 -23.41
CA TYR A 350 4.03 19.66 -24.06
C TYR A 350 3.36 18.95 -25.24
N VAL A 351 2.03 18.96 -25.27
CA VAL A 351 1.27 18.29 -26.32
C VAL A 351 0.32 19.28 -26.99
N ARG A 352 0.33 19.30 -28.32
CA ARG A 352 -0.54 20.20 -29.07
C ARG A 352 -2.03 19.90 -28.88
N GLY A 353 -2.73 20.84 -28.25
CA GLY A 353 -4.16 20.68 -28.03
C GLY A 353 -4.92 21.56 -29.01
N THR A 354 -6.18 21.87 -28.72
CA THR A 354 -6.98 22.70 -29.60
C THR A 354 -6.48 24.15 -29.58
N HIS A 355 -5.92 24.55 -28.45
CA HIS A 355 -5.39 25.89 -28.28
C HIS A 355 -3.94 25.82 -27.84
N ASP A 356 -3.13 26.76 -28.29
CA ASP A 356 -1.70 26.77 -27.97
C ASP A 356 -1.25 27.55 -26.75
N SER A 357 -2.20 28.03 -25.94
CA SER A 357 -1.84 28.77 -24.74
C SER A 357 -2.96 28.72 -23.72
N LEU A 358 -2.60 28.88 -22.45
CA LEU A 358 -3.58 28.87 -21.36
C LEU A 358 -4.55 30.04 -21.52
N GLU A 359 -4.00 31.24 -21.69
CA GLU A 359 -4.81 32.44 -21.84
C GLU A 359 -5.85 32.28 -22.94
N LYS A 360 -5.44 31.67 -24.05
CA LYS A 360 -6.35 31.47 -25.17
C LYS A 360 -7.42 30.42 -24.92
N VAL A 361 -7.03 29.30 -24.31
CA VAL A 361 -7.98 28.22 -24.05
C VAL A 361 -9.08 28.55 -23.06
N VAL A 362 -8.81 29.43 -22.09
CA VAL A 362 -9.81 29.79 -21.09
C VAL A 362 -10.63 31.01 -21.48
N GLU A 363 -10.20 31.72 -22.51
CA GLU A 363 -10.90 32.91 -22.97
C GLU A 363 -12.35 32.60 -23.34
N GLY A 364 -13.29 33.09 -22.55
CA GLY A 364 -14.69 32.87 -22.82
C GLY A 364 -15.21 31.50 -22.42
N ALA A 365 -14.40 30.72 -21.72
CA ALA A 365 -14.82 29.38 -21.31
C ALA A 365 -15.73 29.45 -20.10
N ASP A 366 -16.51 28.38 -19.88
CA ASP A 366 -17.43 28.31 -18.75
C ASP A 366 -16.84 27.55 -17.58
N ALA A 367 -15.87 26.69 -17.86
CA ALA A 367 -15.23 25.91 -16.80
C ALA A 367 -13.88 25.38 -17.21
N ILE A 368 -13.02 25.18 -16.21
CA ILE A 368 -11.68 24.65 -16.41
C ILE A 368 -11.62 23.30 -15.71
N VAL A 369 -10.99 22.32 -16.35
CA VAL A 369 -10.82 21.00 -15.75
C VAL A 369 -9.32 20.72 -15.78
N ILE A 370 -8.72 20.61 -14.60
CA ILE A 370 -7.29 20.35 -14.52
C ILE A 370 -7.10 18.84 -14.54
N ALA A 371 -6.64 18.34 -15.69
CA ALA A 371 -6.47 16.92 -15.91
C ALA A 371 -5.03 16.39 -15.77
N THR A 372 -4.05 17.30 -15.82
CA THR A 372 -2.66 16.89 -15.70
C THR A 372 -1.92 17.88 -14.81
N ASP A 373 -1.10 17.36 -13.91
CA ASP A 373 -0.36 18.18 -12.97
C ASP A 373 0.96 18.74 -13.52
N HIS A 374 0.88 19.45 -14.63
CA HIS A 374 2.08 20.06 -15.21
C HIS A 374 2.55 21.21 -14.34
N PRO A 375 3.87 21.45 -14.31
CA PRO A 375 4.45 22.54 -13.52
C PRO A 375 3.85 23.90 -13.85
N GLU A 376 3.55 24.13 -15.13
CA GLU A 376 2.98 25.40 -15.56
C GLU A 376 1.73 25.77 -14.79
N PHE A 377 0.91 24.77 -14.46
CA PHE A 377 -0.35 25.02 -13.76
C PHE A 377 -0.20 25.33 -12.26
N LYS A 378 1.02 25.19 -11.73
CA LYS A 378 1.25 25.44 -10.32
C LYS A 378 1.45 26.92 -9.97
N SER A 379 1.77 27.74 -10.97
CA SER A 379 1.99 29.16 -10.73
C SER A 379 1.06 30.04 -11.56
N VAL A 380 -0.17 29.58 -11.76
CA VAL A 380 -1.15 30.33 -12.55
C VAL A 380 -1.88 31.37 -11.72
N ASN A 381 -2.07 32.55 -12.30
CA ASN A 381 -2.80 33.62 -11.63
C ASN A 381 -4.27 33.43 -12.00
N TRP A 382 -4.95 32.57 -11.25
CA TRP A 382 -6.37 32.30 -11.52
C TRP A 382 -7.24 33.54 -11.44
N GLU A 383 -6.77 34.54 -10.70
CA GLU A 383 -7.51 35.79 -10.57
C GLU A 383 -7.59 36.45 -11.94
N SER A 384 -6.44 36.57 -12.59
CA SER A 384 -6.34 37.17 -13.92
C SER A 384 -7.05 36.29 -14.95
N ILE A 385 -6.85 34.99 -14.83
CA ILE A 385 -7.46 34.03 -15.74
C ILE A 385 -8.98 34.09 -15.66
N GLY A 386 -9.50 34.17 -14.44
CA GLY A 386 -10.94 34.22 -14.23
C GLY A 386 -11.62 35.39 -14.89
N LYS A 387 -10.92 36.52 -14.98
CA LYS A 387 -11.47 37.73 -15.59
C LYS A 387 -11.78 37.56 -17.07
N SER A 388 -11.11 36.62 -17.72
CA SER A 388 -11.33 36.40 -19.15
C SER A 388 -12.32 35.28 -19.45
N MSE A 389 -12.76 34.58 -18.40
CA MSE A 389 -13.70 33.49 -18.55
C MSE A 389 -15.15 33.95 -18.54
O MSE A 389 -15.46 35.02 -18.00
CB MSE A 389 -13.51 32.48 -17.41
CG MSE A 389 -12.16 31.78 -17.42
SE MSE A 389 -12.01 30.52 -15.96
CE MSE A 389 -13.15 29.13 -16.66
N ARG A 390 -16.05 33.18 -19.14
CA ARG A 390 -17.46 33.54 -19.16
C ARG A 390 -18.03 33.19 -17.79
N HIS A 391 -17.47 32.14 -17.19
CA HIS A 391 -17.87 31.69 -15.85
C HIS A 391 -16.62 31.19 -15.14
N LYS A 392 -16.49 31.55 -13.87
CA LYS A 392 -15.33 31.15 -13.08
C LYS A 392 -15.58 29.83 -12.37
N ILE A 393 -15.27 28.74 -13.05
CA ILE A 393 -15.46 27.39 -12.52
C ILE A 393 -14.17 26.60 -12.74
N ILE A 394 -13.72 25.91 -11.69
CA ILE A 394 -12.53 25.08 -11.77
C ILE A 394 -12.80 23.74 -11.11
N ILE A 395 -12.50 22.67 -11.85
CA ILE A 395 -12.64 21.30 -11.35
C ILE A 395 -11.20 20.76 -11.40
N ASP A 396 -10.64 20.54 -10.22
CA ASP A 396 -9.26 20.06 -10.12
C ASP A 396 -9.21 18.55 -9.92
N GLY A 397 -8.53 17.86 -10.84
CA GLY A 397 -8.41 16.41 -10.71
C GLY A 397 -6.97 16.01 -10.47
N ARG A 398 -6.10 16.98 -10.20
CA ARG A 398 -4.68 16.70 -10.00
C ARG A 398 -4.01 17.36 -8.80
N ASN A 399 -4.79 17.80 -7.82
CA ASN A 399 -4.25 18.41 -6.61
C ASN A 399 -3.37 19.62 -6.94
N ILE A 400 -3.73 20.35 -8.00
CA ILE A 400 -3.00 21.53 -8.41
C ILE A 400 -3.44 22.73 -7.58
N ILE A 401 -4.75 22.85 -7.36
CA ILE A 401 -5.31 23.93 -6.57
C ILE A 401 -5.20 23.58 -5.08
N LYS A 402 -4.67 24.50 -4.28
CA LYS A 402 -4.56 24.27 -2.85
C LYS A 402 -5.71 25.08 -2.25
N GLU A 403 -5.45 26.34 -1.94
CA GLU A 403 -6.51 27.20 -1.42
C GLU A 403 -7.29 27.64 -2.65
N PRO A 404 -8.62 27.42 -2.66
CA PRO A 404 -9.46 27.79 -3.79
C PRO A 404 -9.40 29.27 -4.17
N PRO A 405 -9.35 29.56 -5.48
CA PRO A 405 -9.29 30.94 -5.98
C PRO A 405 -10.55 31.69 -5.57
N VAL A 406 -10.40 32.95 -5.18
CA VAL A 406 -11.54 33.75 -4.74
C VAL A 406 -12.57 34.01 -5.85
N GLY A 407 -13.84 33.83 -5.49
CA GLY A 407 -14.92 34.06 -6.45
C GLY A 407 -15.16 32.96 -7.46
N PHE A 408 -14.40 31.87 -7.35
CA PHE A 408 -14.53 30.75 -8.26
C PHE A 408 -15.40 29.65 -7.67
N ILE A 409 -16.17 28.98 -8.53
CA ILE A 409 -16.93 27.84 -8.06
C ILE A 409 -15.82 26.80 -8.18
N PHE A 410 -15.51 26.13 -7.09
CA PHE A 410 -14.44 25.14 -7.09
C PHE A 410 -14.85 23.77 -6.61
N ARG A 411 -14.37 22.75 -7.31
CA ARG A 411 -14.61 21.35 -6.98
C ARG A 411 -13.31 20.61 -7.27
N GLY A 412 -12.99 19.64 -6.42
CA GLY A 412 -11.78 18.86 -6.63
C GLY A 412 -11.96 17.45 -6.12
N ILE A 413 -11.33 16.49 -6.79
CA ILE A 413 -11.43 15.10 -6.38
C ILE A 413 -10.87 14.95 -4.97
N GLY A 414 -11.74 14.57 -4.04
CA GLY A 414 -11.33 14.39 -2.66
C GLY A 414 -11.31 15.67 -1.86
N ARG A 415 -11.77 16.78 -2.45
CA ARG A 415 -11.79 18.05 -1.73
C ARG A 415 -13.13 18.24 -1.02
N GLY A 416 -13.30 17.54 0.09
CA GLY A 416 -14.54 17.67 0.84
C GLY A 416 -14.52 18.85 1.79
N ASP A 417 -13.42 19.59 1.77
CA ASP A 417 -13.26 20.76 2.64
C ASP A 417 -13.84 22.04 2.05
N VAL A 418 -14.10 22.03 0.75
CA VAL A 418 -14.63 23.21 0.06
C VAL A 418 -16.16 23.25 0.00
N MSE B 1 -0.20 20.97 36.42
CA MSE B 1 -1.56 20.51 35.96
C MSE B 1 -1.93 19.13 36.49
O MSE B 1 -1.07 18.33 36.85
CB MSE B 1 -1.62 20.47 34.44
CG MSE B 1 -1.80 21.81 33.77
SE MSE B 1 -2.53 21.56 32.00
CE MSE B 1 -0.90 21.75 30.96
N ARG B 2 -3.23 18.86 36.50
CA ARG B 2 -3.75 17.59 36.96
C ARG B 2 -4.44 16.93 35.76
N ILE B 3 -3.90 15.81 35.29
CA ILE B 3 -4.49 15.11 34.15
C ILE B 3 -5.20 13.84 34.58
N ALA B 4 -6.40 13.63 34.05
CA ALA B 4 -7.18 12.44 34.35
C ALA B 4 -7.24 11.58 33.09
N VAL B 5 -6.88 10.31 33.23
CA VAL B 5 -6.91 9.38 32.11
C VAL B 5 -7.99 8.33 32.37
N LEU B 6 -8.98 8.27 31.49
CA LEU B 6 -10.07 7.31 31.64
C LEU B 6 -9.87 6.14 30.69
N GLY B 7 -9.78 4.94 31.25
CA GLY B 7 -9.57 3.76 30.44
C GLY B 7 -8.10 3.38 30.52
N LEU B 8 -7.78 2.42 31.38
CA LEU B 8 -6.40 2.01 31.56
C LEU B 8 -6.07 0.71 30.83
N GLY B 9 -6.22 0.72 29.51
CA GLY B 9 -5.92 -0.43 28.68
C GLY B 9 -4.45 -0.34 28.30
N TYR B 10 -4.04 -1.05 27.25
CA TYR B 10 -2.63 -1.00 26.89
C TYR B 10 -2.18 0.33 26.30
N ILE B 11 -3.13 1.22 26.01
CA ILE B 11 -2.76 2.55 25.52
C ILE B 11 -2.96 3.56 26.65
N GLY B 12 -4.07 3.42 27.37
CA GLY B 12 -4.37 4.33 28.45
C GLY B 12 -3.36 4.36 29.58
N LEU B 13 -2.99 3.19 30.10
CA LEU B 13 -2.03 3.11 31.20
C LEU B 13 -0.68 3.69 30.81
N PRO B 14 -0.12 3.29 29.66
CA PRO B 14 1.17 3.86 29.27
C PRO B 14 1.10 5.38 29.11
N THR B 15 -0.03 5.85 28.58
CA THR B 15 -0.22 7.29 28.39
C THR B 15 -0.19 8.01 29.73
N ALA B 16 -0.89 7.45 30.71
CA ALA B 16 -0.93 8.05 32.04
C ALA B 16 0.47 8.08 32.63
N ILE B 17 1.21 6.99 32.47
CA ILE B 17 2.56 6.88 33.00
C ILE B 17 3.50 7.91 32.37
N MSE B 18 3.36 8.10 31.06
CA MSE B 18 4.22 9.04 30.36
C MSE B 18 3.99 10.47 30.83
O MSE B 18 4.94 11.23 31.01
CB MSE B 18 3.99 8.93 28.85
CG MSE B 18 5.25 9.07 28.02
SE MSE B 18 6.73 7.98 28.70
CE MSE B 18 8.10 9.35 28.64
N PHE B 19 2.73 10.84 31.04
CA PHE B 19 2.42 12.18 31.52
C PHE B 19 2.90 12.36 32.96
N ALA B 20 2.71 11.32 33.78
CA ALA B 20 3.13 11.37 35.17
C ALA B 20 4.65 11.53 35.31
N SER B 21 5.39 11.12 34.29
CA SER B 21 6.84 11.23 34.33
C SER B 21 7.33 12.41 33.48
N SER B 22 6.38 13.25 33.06
CA SER B 22 6.71 14.41 32.25
C SER B 22 6.30 15.74 32.89
N GLY B 23 6.29 15.77 34.22
CA GLY B 23 5.95 16.98 34.94
C GLY B 23 4.47 17.20 35.22
N TYR B 24 3.68 16.14 35.19
CA TYR B 24 2.24 16.24 35.44
C TYR B 24 1.77 15.32 36.56
N ASP B 25 0.74 15.76 37.28
CA ASP B 25 0.13 14.96 38.32
C ASP B 25 -0.98 14.24 37.58
N VAL B 26 -0.97 12.91 37.60
CA VAL B 26 -1.96 12.15 36.86
C VAL B 26 -2.80 11.20 37.71
N VAL B 27 -4.06 11.08 37.35
CA VAL B 27 -4.98 10.18 38.04
C VAL B 27 -5.57 9.24 36.99
N GLY B 28 -5.22 7.96 37.09
CA GLY B 28 -5.74 6.98 36.15
C GLY B 28 -7.05 6.42 36.66
N TYR B 29 -8.08 6.48 35.83
CA TYR B 29 -9.40 5.98 36.21
C TYR B 29 -9.86 4.83 35.31
N ASP B 30 -10.47 3.82 35.93
CA ASP B 30 -10.99 2.68 35.18
C ASP B 30 -12.06 2.01 36.01
N ILE B 31 -13.18 1.69 35.37
CA ILE B 31 -14.31 1.05 36.04
C ILE B 31 -13.93 -0.27 36.70
N ARG B 32 -13.06 -1.04 36.04
CA ARG B 32 -12.63 -2.33 36.55
C ARG B 32 -11.84 -2.20 37.85
N SER B 33 -12.50 -2.51 38.96
CA SER B 33 -11.86 -2.44 40.27
C SER B 33 -10.67 -3.38 40.38
N GLU B 34 -10.77 -4.53 39.74
CA GLU B 34 -9.70 -5.53 39.77
C GLU B 34 -8.43 -4.99 39.11
N VAL B 35 -8.63 -4.25 38.02
CA VAL B 35 -7.50 -3.68 37.30
C VAL B 35 -6.78 -2.66 38.17
N ILE B 36 -7.54 -1.78 38.80
CA ILE B 36 -6.97 -0.75 39.66
C ILE B 36 -6.14 -1.37 40.79
N LYS B 37 -6.71 -2.36 41.47
CA LYS B 37 -6.02 -3.04 42.55
C LYS B 37 -4.67 -3.56 42.09
N LYS B 38 -4.65 -4.18 40.92
CA LYS B 38 -3.42 -4.72 40.35
C LYS B 38 -2.42 -3.60 40.11
N ILE B 39 -2.89 -2.53 39.47
CA ILE B 39 -2.03 -1.38 39.15
C ILE B 39 -1.33 -0.82 40.38
N ASN B 40 -2.10 -0.31 41.34
CA ASN B 40 -1.50 0.23 42.55
C ASN B 40 -1.00 -0.93 43.40
N SER B 41 0.08 -1.55 42.93
CA SER B 41 0.74 -2.68 43.58
C SER B 41 0.36 -4.01 42.94
N GLY B 42 1.17 -4.39 41.95
CA GLY B 42 0.96 -5.61 41.19
C GLY B 42 1.35 -5.20 39.79
N VAL B 43 1.88 -3.98 39.75
CA VAL B 43 2.35 -3.30 38.55
C VAL B 43 1.95 -3.86 37.19
N ALA B 44 1.18 -3.07 36.46
CA ALA B 44 0.71 -3.41 35.14
C ALA B 44 -0.03 -4.73 35.06
N HIS B 45 -1.29 -4.65 34.63
CA HIS B 45 -2.15 -5.80 34.45
C HIS B 45 -1.92 -6.26 33.01
N ILE B 46 -1.02 -5.56 32.34
CA ILE B 46 -0.68 -5.87 30.95
C ILE B 46 0.83 -5.98 30.78
N ILE B 47 1.33 -6.64 29.84
CA ILE B 47 2.73 -6.91 29.52
C ILE B 47 3.20 -6.02 28.38
N GLU B 48 4.14 -5.25 28.65
CA GLU B 48 4.72 -4.29 27.70
C GLU B 48 6.11 -3.90 28.21
N PRO B 49 7.11 -3.91 27.33
CA PRO B 49 8.46 -3.54 27.77
C PRO B 49 8.57 -2.22 28.53
N GLU B 50 9.21 -2.29 29.70
CA GLU B 50 9.44 -1.12 30.56
C GLU B 50 8.24 -0.65 31.39
N ILE B 51 7.05 -1.19 31.13
CA ILE B 51 5.87 -0.74 31.86
C ILE B 51 5.91 -0.93 33.39
N ASP B 52 6.53 -2.01 33.86
CA ASP B 52 6.60 -2.25 35.29
C ASP B 52 7.57 -1.29 35.98
N ARG B 53 8.74 -1.12 35.39
CA ARG B 53 9.76 -0.22 35.93
C ARG B 53 9.24 1.20 35.93
N ARG B 54 8.67 1.62 34.80
CA ARG B 54 8.14 2.97 34.67
C ARG B 54 6.94 3.21 35.59
N LEU B 55 6.10 2.19 35.76
CA LEU B 55 4.93 2.31 36.62
C LEU B 55 5.31 2.55 38.07
N LYS B 56 6.17 1.68 38.62
CA LYS B 56 6.59 1.82 40.00
C LYS B 56 7.19 3.20 40.26
N GLU B 57 7.93 3.70 39.27
CA GLU B 57 8.56 5.02 39.38
C GLU B 57 7.54 6.13 39.62
N VAL B 58 6.53 6.22 38.77
CA VAL B 58 5.53 7.26 38.91
C VAL B 58 4.61 7.08 40.12
N LEU B 59 4.37 5.84 40.51
CA LEU B 59 3.52 5.59 41.67
C LEU B 59 4.28 5.95 42.95
N SER B 60 5.56 5.59 42.99
CA SER B 60 6.39 5.87 44.16
C SER B 60 6.63 7.36 44.37
N LEU B 61 6.89 8.07 43.27
CA LEU B 61 7.15 9.50 43.37
C LEU B 61 5.85 10.27 43.60
N GLY B 62 4.74 9.55 43.64
CA GLY B 62 3.46 10.16 43.88
C GLY B 62 2.91 10.98 42.73
N LYS B 63 3.47 10.81 41.53
CA LYS B 63 3.02 11.57 40.37
C LYS B 63 1.84 10.90 39.69
N LEU B 64 1.67 9.59 39.95
CA LEU B 64 0.56 8.86 39.38
C LEU B 64 -0.26 8.16 40.45
N LYS B 65 -1.57 8.27 40.32
CA LYS B 65 -2.51 7.63 41.24
C LYS B 65 -3.55 6.98 40.35
N VAL B 66 -4.03 5.81 40.74
CA VAL B 66 -5.06 5.13 39.97
C VAL B 66 -6.25 4.87 40.87
N THR B 67 -7.44 4.92 40.31
CA THR B 67 -8.65 4.73 41.09
C THR B 67 -9.86 4.33 40.25
N ASP B 68 -10.92 3.91 40.93
CA ASP B 68 -12.16 3.54 40.27
C ASP B 68 -13.28 4.40 40.83
N ARG B 69 -12.91 5.50 41.49
CA ARG B 69 -13.86 6.42 42.07
C ARG B 69 -13.92 7.70 41.23
N VAL B 70 -15.09 7.98 40.67
CA VAL B 70 -15.28 9.17 39.84
C VAL B 70 -14.91 10.44 40.61
N GLU B 71 -15.22 10.45 41.90
CA GLU B 71 -14.94 11.60 42.76
C GLU B 71 -13.50 12.08 42.69
N ASP B 72 -12.56 11.15 42.59
CA ASP B 72 -11.14 11.49 42.53
C ASP B 72 -10.76 12.27 41.28
N LEU B 73 -11.64 12.27 40.28
CA LEU B 73 -11.36 12.98 39.04
C LEU B 73 -11.59 14.48 39.15
N LYS B 74 -12.35 14.90 40.17
CA LYS B 74 -12.63 16.32 40.37
C LYS B 74 -11.32 17.07 40.60
N GLY B 75 -11.22 18.26 40.02
CA GLY B 75 -10.04 19.06 40.17
C GLY B 75 -9.04 18.86 39.05
N SER B 76 -9.41 18.04 38.06
CA SER B 76 -8.54 17.78 36.91
C SER B 76 -8.64 18.91 35.90
N ASN B 77 -7.52 19.26 35.28
CA ASN B 77 -7.50 20.32 34.28
C ASN B 77 -7.66 19.72 32.89
N VAL B 78 -7.29 18.45 32.77
CA VAL B 78 -7.37 17.75 31.48
C VAL B 78 -7.97 16.37 31.67
N PHE B 79 -8.74 15.93 30.69
CA PHE B 79 -9.36 14.61 30.72
C PHE B 79 -9.01 13.90 29.41
N ILE B 80 -8.39 12.72 29.52
CA ILE B 80 -8.00 11.96 28.33
C ILE B 80 -8.72 10.61 28.33
N ILE B 81 -9.57 10.41 27.33
CA ILE B 81 -10.35 9.16 27.22
C ILE B 81 -9.66 8.19 26.27
N CYS B 82 -9.33 7.01 26.80
CA CYS B 82 -8.65 5.98 26.03
C CYS B 82 -9.39 4.65 26.03
N VAL B 83 -10.71 4.70 26.16
CA VAL B 83 -11.53 3.48 26.20
C VAL B 83 -11.62 2.77 24.84
N GLN B 84 -12.10 1.53 24.88
CA GLN B 84 -12.21 0.74 23.66
C GLN B 84 -13.35 1.17 22.75
N THR B 85 -13.20 0.89 21.46
CA THR B 85 -14.21 1.22 20.47
C THR B 85 -14.35 0.07 19.48
N PRO B 86 -14.82 -1.08 19.97
CA PRO B 86 -14.99 -2.27 19.13
C PRO B 86 -16.29 -2.19 18.35
N LEU B 87 -16.60 -3.24 17.61
CA LEU B 87 -17.84 -3.28 16.86
C LEU B 87 -18.88 -4.01 17.70
N SER B 88 -20.14 -3.77 17.37
CA SER B 88 -21.27 -4.41 18.01
C SER B 88 -22.05 -4.82 16.77
N GLY B 89 -21.81 -6.04 16.30
CA GLY B 89 -22.46 -6.48 15.09
C GLY B 89 -21.76 -5.72 13.97
N ASP B 90 -22.53 -4.98 13.17
CA ASP B 90 -21.94 -4.20 12.08
C ASP B 90 -21.74 -2.76 12.49
N ASP B 91 -22.19 -2.41 13.68
CA ASP B 91 -22.10 -1.03 14.15
C ASP B 91 -20.98 -0.71 15.12
N PRO B 92 -20.36 0.47 14.96
CA PRO B 92 -19.28 0.82 15.88
C PRO B 92 -19.91 0.91 17.27
N ASP B 93 -19.24 0.37 18.27
CA ASP B 93 -19.77 0.41 19.62
C ASP B 93 -19.16 1.59 20.36
N LEU B 94 -19.91 2.69 20.45
CA LEU B 94 -19.43 3.89 21.11
C LEU B 94 -20.02 4.04 22.51
N SER B 95 -20.59 2.96 23.05
CA SER B 95 -21.19 3.03 24.38
C SER B 95 -20.15 3.25 25.48
N TYR B 96 -18.97 2.67 25.31
CA TYR B 96 -17.90 2.83 26.27
C TYR B 96 -17.46 4.28 26.27
N LEU B 97 -17.40 4.86 25.06
CA LEU B 97 -16.99 6.25 24.90
C LEU B 97 -18.02 7.19 25.50
N GLU B 98 -19.30 6.95 25.21
CA GLU B 98 -20.34 7.83 25.73
C GLU B 98 -20.33 7.79 27.25
N ARG B 99 -20.08 6.61 27.82
CA ARG B 99 -20.03 6.45 29.27
C ARG B 99 -18.91 7.33 29.84
N ALA B 100 -17.74 7.25 29.23
CA ALA B 100 -16.60 8.04 29.68
C ALA B 100 -16.92 9.53 29.57
N ILE B 101 -17.55 9.92 28.47
CA ILE B 101 -17.91 11.33 28.27
C ILE B 101 -18.88 11.80 29.35
N ARG B 102 -19.88 10.99 29.67
CA ARG B 102 -20.84 11.36 30.69
C ARG B 102 -20.17 11.44 32.06
N THR B 103 -19.16 10.60 32.28
CA THR B 103 -18.44 10.63 33.54
C THR B 103 -17.70 11.96 33.63
N VAL B 104 -17.02 12.33 32.57
CA VAL B 104 -16.27 13.58 32.53
C VAL B 104 -17.19 14.77 32.80
N ALA B 105 -18.39 14.74 32.22
CA ALA B 105 -19.33 15.83 32.41
C ALA B 105 -19.70 16.04 33.88
N GLU B 106 -19.68 14.96 34.66
CA GLU B 106 -20.03 15.03 36.08
C GLU B 106 -18.96 15.66 36.97
N VAL B 107 -17.71 15.67 36.52
CA VAL B 107 -16.63 16.22 37.34
C VAL B 107 -15.82 17.36 36.74
N MSE B 108 -16.00 17.64 35.45
CA MSE B 108 -15.22 18.69 34.82
C MSE B 108 -15.63 20.09 35.27
O MSE B 108 -16.76 20.32 35.70
CB MSE B 108 -15.34 18.60 33.29
CG MSE B 108 -16.60 19.21 32.73
SE MSE B 108 -16.75 18.87 30.84
CE MSE B 108 -15.20 19.79 30.22
N ASP B 109 -14.68 21.03 35.18
CA ASP B 109 -14.92 22.42 35.54
C ASP B 109 -14.67 23.27 34.32
N ARG B 110 -14.93 24.57 34.43
CA ARG B 110 -14.71 25.50 33.34
C ARG B 110 -13.22 25.52 33.01
N GLY B 111 -12.89 25.63 31.73
CA GLY B 111 -11.51 25.68 31.30
C GLY B 111 -10.91 24.32 31.02
N ALA B 112 -11.65 23.26 31.32
CA ALA B 112 -11.18 21.90 31.10
C ALA B 112 -10.84 21.59 29.66
N LEU B 113 -9.90 20.68 29.47
CA LEU B 113 -9.49 20.24 28.15
C LEU B 113 -9.86 18.77 28.09
N VAL B 114 -10.64 18.39 27.09
CA VAL B 114 -11.06 17.01 26.94
C VAL B 114 -10.45 16.44 25.68
N ILE B 115 -9.70 15.35 25.84
CA ILE B 115 -9.04 14.70 24.72
C ILE B 115 -9.57 13.30 24.53
N ILE B 116 -10.00 12.98 23.30
CA ILE B 116 -10.47 11.64 22.99
C ILE B 116 -9.36 10.97 22.23
N GLU B 117 -8.79 9.92 22.80
CA GLU B 117 -7.71 9.18 22.15
C GLU B 117 -8.29 8.02 21.35
N SER B 118 -9.39 7.46 21.84
CA SER B 118 -10.07 6.34 21.22
C SER B 118 -10.26 6.50 19.71
N THR B 119 -10.05 5.43 18.96
CA THR B 119 -10.23 5.43 17.52
C THR B 119 -11.74 5.51 17.27
N ILE B 120 -12.17 6.47 16.46
CA ILE B 120 -13.61 6.66 16.22
C ILE B 120 -14.00 7.10 14.81
N PRO B 121 -15.26 6.89 14.44
CA PRO B 121 -15.73 7.28 13.10
C PRO B 121 -15.67 8.81 13.00
N PRO B 122 -15.45 9.34 11.78
CA PRO B 122 -15.40 10.79 11.63
C PRO B 122 -16.71 11.43 12.09
N GLY B 123 -16.60 12.55 12.79
CA GLY B 123 -17.76 13.24 13.30
C GLY B 123 -18.08 12.93 14.75
N THR B 124 -17.44 11.88 15.28
CA THR B 124 -17.67 11.47 16.67
C THR B 124 -17.22 12.49 17.71
N THR B 125 -16.03 13.05 17.56
CA THR B 125 -15.52 14.01 18.51
C THR B 125 -16.45 15.23 18.62
N GLU B 126 -16.93 15.70 17.48
CA GLU B 126 -17.84 16.84 17.46
C GLU B 126 -19.12 16.50 18.21
N LYS B 127 -19.64 15.29 17.97
CA LYS B 127 -20.87 14.86 18.63
C LYS B 127 -20.69 14.78 20.14
N MSE B 128 -19.53 14.29 20.58
CA MSE B 128 -19.27 14.19 22.01
C MSE B 128 -19.11 15.58 22.62
O MSE B 128 -19.47 15.80 23.78
CB MSE B 128 -18.04 13.32 22.26
CG MSE B 128 -18.25 11.86 21.89
SE MSE B 128 -19.73 11.02 22.83
CE MSE B 128 -21.15 11.41 21.59
N ALA B 129 -18.55 16.51 21.86
CA ALA B 129 -18.39 17.88 22.33
C ALA B 129 -19.80 18.45 22.54
N ARG B 130 -20.68 18.22 21.58
CA ARG B 130 -22.06 18.69 21.69
C ARG B 130 -22.73 18.06 22.92
N LEU B 131 -22.49 16.77 23.16
CA LEU B 131 -23.08 16.10 24.31
C LEU B 131 -22.58 16.74 25.59
N LEU B 132 -21.28 17.02 25.67
CA LEU B 132 -20.71 17.66 26.84
C LEU B 132 -21.39 19.01 27.09
N GLU B 133 -21.66 19.74 26.02
CA GLU B 133 -22.31 21.05 26.14
C GLU B 133 -23.71 20.91 26.71
N ASN B 134 -24.47 19.97 26.19
CA ASN B 134 -25.85 19.77 26.66
C ASN B 134 -25.93 19.29 28.10
N LEU B 135 -24.90 18.56 28.54
CA LEU B 135 -24.89 18.04 29.91
C LEU B 135 -24.36 19.05 30.93
N THR B 136 -23.49 19.95 30.50
CA THR B 136 -22.89 20.93 31.40
C THR B 136 -23.39 22.37 31.26
N GLY B 137 -23.90 22.72 30.09
CA GLY B 137 -24.37 24.07 29.87
C GLY B 137 -23.24 24.98 29.42
N LEU B 138 -22.07 24.40 29.20
CA LEU B 138 -20.90 25.16 28.75
C LEU B 138 -20.78 25.11 27.23
N ARG B 139 -19.91 25.94 26.68
CA ARG B 139 -19.70 25.97 25.24
C ARG B 139 -18.25 25.64 24.88
N GLU B 140 -18.08 24.69 23.96
CA GLU B 140 -16.73 24.28 23.54
C GLU B 140 -16.06 25.44 22.83
N GLY B 141 -14.78 25.63 23.11
CA GLY B 141 -14.03 26.71 22.49
C GLY B 141 -14.13 27.99 23.29
N VAL B 142 -14.93 27.95 24.35
CA VAL B 142 -15.13 29.13 25.20
C VAL B 142 -14.99 28.77 26.67
N ASP B 143 -15.79 27.82 27.13
CA ASP B 143 -15.78 27.39 28.53
C ASP B 143 -14.95 26.13 28.74
N PHE B 144 -14.74 25.36 27.67
CA PHE B 144 -13.96 24.14 27.76
C PHE B 144 -13.50 23.79 26.36
N TYR B 145 -12.58 22.83 26.24
CA TYR B 145 -12.03 22.49 24.93
C TYR B 145 -12.00 21.00 24.64
N VAL B 146 -12.27 20.65 23.39
CA VAL B 146 -12.28 19.25 22.98
C VAL B 146 -11.39 19.01 21.76
N ALA B 147 -10.61 17.93 21.83
CA ALA B 147 -9.71 17.56 20.74
C ALA B 147 -9.59 16.05 20.65
N HIS B 148 -9.21 15.56 19.47
CA HIS B 148 -9.03 14.14 19.23
C HIS B 148 -7.53 13.94 19.02
N ALA B 149 -6.95 13.04 19.80
CA ALA B 149 -5.53 12.75 19.71
C ALA B 149 -5.33 11.25 19.52
N PRO B 150 -5.58 10.77 18.29
CA PRO B 150 -5.44 9.36 17.94
C PRO B 150 -4.03 8.86 18.25
N GLU B 151 -3.91 7.57 18.55
CA GLU B 151 -2.61 7.01 18.85
C GLU B 151 -2.07 6.27 17.63
N ARG B 152 -0.76 6.02 17.62
CA ARG B 152 -0.11 5.33 16.50
C ARG B 152 0.87 4.28 17.02
N VAL B 153 0.91 4.12 18.33
CA VAL B 153 1.84 3.16 18.93
C VAL B 153 1.56 1.71 18.58
N MSE B 154 2.64 0.94 18.58
CA MSE B 154 2.63 -0.49 18.27
C MSE B 154 2.91 -1.26 19.56
O MSE B 154 3.95 -1.09 20.17
CB MSE B 154 3.73 -0.78 17.24
CG MSE B 154 4.03 -2.26 17.00
SE MSE B 154 2.58 -3.16 16.17
CE MSE B 154 2.63 -2.32 14.44
N PRO B 155 1.97 -2.12 19.99
CA PRO B 155 2.22 -2.88 21.23
C PRO B 155 3.58 -3.57 21.12
N GLY B 156 4.38 -3.47 22.18
CA GLY B 156 5.70 -4.07 22.17
C GLY B 156 6.77 -3.01 22.06
N ARG B 157 6.36 -1.80 21.66
CA ARG B 157 7.26 -0.68 21.52
C ARG B 157 6.48 0.61 21.77
N ILE B 158 5.53 0.53 22.70
CA ILE B 158 4.69 1.66 23.04
C ILE B 158 5.44 2.87 23.59
N PHE B 159 6.22 2.68 24.66
CA PHE B 159 6.94 3.81 25.22
C PHE B 159 7.90 4.46 24.24
N LYS B 160 8.45 3.66 23.34
CA LYS B 160 9.37 4.17 22.34
C LYS B 160 8.61 5.04 21.34
N GLU B 161 7.53 4.50 20.78
CA GLU B 161 6.74 5.23 19.80
C GLU B 161 5.94 6.40 20.39
N LEU B 162 5.53 6.29 21.65
CA LEU B 162 4.79 7.38 22.29
C LEU B 162 5.62 8.66 22.20
N VAL B 163 6.93 8.50 22.34
CA VAL B 163 7.85 9.63 22.32
C VAL B 163 8.30 10.07 20.92
N TYR B 164 8.78 9.11 20.12
CA TYR B 164 9.30 9.43 18.80
C TYR B 164 8.33 9.47 17.62
N ASN B 165 7.15 8.90 17.78
CA ASN B 165 6.18 8.92 16.69
C ASN B 165 5.64 10.33 16.46
N SER B 166 5.48 10.69 15.19
CA SER B 166 4.88 11.98 14.88
C SER B 166 3.41 11.67 15.09
N ARG B 167 2.65 12.65 15.56
CA ARG B 167 1.23 12.41 15.80
C ARG B 167 0.35 13.54 15.30
N ILE B 168 -0.94 13.24 15.22
CA ILE B 168 -1.92 14.19 14.73
C ILE B 168 -2.90 14.56 15.85
N ILE B 169 -3.27 15.84 15.91
CA ILE B 169 -4.23 16.30 16.89
C ILE B 169 -5.25 17.17 16.16
N GLY B 170 -6.51 16.81 16.29
CA GLY B 170 -7.57 17.59 15.65
C GLY B 170 -8.48 18.19 16.70
N GLY B 171 -8.56 19.51 16.72
CA GLY B 171 -9.41 20.14 17.71
C GLY B 171 -10.78 20.49 17.19
N VAL B 172 -11.77 20.47 18.08
CA VAL B 172 -13.12 20.84 17.70
C VAL B 172 -13.04 22.34 17.51
N SER B 173 -12.11 22.95 18.23
CA SER B 173 -11.84 24.37 18.15
C SER B 173 -10.33 24.51 17.96
N GLU B 174 -9.90 25.61 17.35
CA GLU B 174 -8.49 25.83 17.14
C GLU B 174 -7.77 25.86 18.48
N LYS B 175 -8.35 26.57 19.45
CA LYS B 175 -7.75 26.68 20.77
C LYS B 175 -7.54 25.31 21.41
N ALA B 176 -8.47 24.38 21.18
CA ALA B 176 -8.35 23.05 21.76
C ALA B 176 -7.10 22.35 21.21
N ALA B 177 -6.87 22.49 19.92
CA ALA B 177 -5.72 21.86 19.29
C ALA B 177 -4.41 22.44 19.84
N ASN B 178 -4.36 23.77 19.97
CA ASN B 178 -3.17 24.42 20.48
C ASN B 178 -2.87 24.00 21.92
N LEU B 179 -3.91 23.95 22.74
CA LEU B 179 -3.76 23.55 24.12
C LEU B 179 -3.27 22.11 24.21
N ALA B 180 -3.88 21.23 23.41
CA ALA B 180 -3.50 19.82 23.41
C ALA B 180 -2.05 19.63 22.97
N GLU B 181 -1.61 20.45 22.03
CA GLU B 181 -0.24 20.37 21.52
C GLU B 181 0.77 20.68 22.62
N LYS B 182 0.52 21.76 23.36
CA LYS B 182 1.43 22.14 24.44
C LYS B 182 1.46 21.02 25.47
N LEU B 183 0.32 20.35 25.63
CA LEU B 183 0.19 19.25 26.57
C LEU B 183 1.07 18.07 26.18
N TYR B 184 0.90 17.57 24.95
CA TYR B 184 1.66 16.43 24.47
C TYR B 184 3.14 16.72 24.23
N ARG B 185 3.47 17.98 24.01
CA ARG B 185 4.86 18.35 23.76
C ARG B 185 5.71 18.08 24.99
N SER B 186 5.05 17.76 26.10
CA SER B 186 5.75 17.47 27.34
C SER B 186 6.62 16.21 27.24
N PHE B 187 6.25 15.30 26.35
CA PHE B 187 7.03 14.07 26.19
C PHE B 187 7.15 13.62 24.74
N VAL B 188 6.40 14.24 23.84
CA VAL B 188 6.48 13.86 22.43
C VAL B 188 7.62 14.59 21.74
N LYS B 189 8.58 13.83 21.22
CA LYS B 189 9.71 14.40 20.52
C LYS B 189 9.46 14.41 19.02
N GLY B 190 8.51 13.59 18.58
CA GLY B 190 8.18 13.53 17.17
C GLY B 190 7.39 14.77 16.80
N ARG B 191 7.14 14.96 15.51
CA ARG B 191 6.37 16.12 15.07
C ARG B 191 4.91 15.99 15.46
N ILE B 192 4.30 17.11 15.84
CA ILE B 192 2.89 17.13 16.20
C ILE B 192 2.20 18.02 15.18
N PHE B 193 1.26 17.43 14.44
CA PHE B 193 0.52 18.15 13.41
C PHE B 193 -0.88 18.44 13.89
N LEU B 194 -1.32 19.69 13.71
CA LEU B 194 -2.65 20.09 14.14
C LEU B 194 -3.59 20.26 12.95
N THR B 195 -4.83 19.80 13.12
CA THR B 195 -5.85 19.90 12.09
C THR B 195 -7.19 19.93 12.84
N ASN B 196 -8.29 19.77 12.12
CA ASN B 196 -9.58 19.76 12.80
C ASN B 196 -9.93 18.31 13.20
N ALA B 197 -10.92 18.18 14.08
CA ALA B 197 -11.36 16.88 14.58
C ALA B 197 -11.66 15.80 13.54
N THR B 198 -12.54 16.12 12.59
CA THR B 198 -12.91 15.15 11.57
C THR B 198 -11.73 14.67 10.73
N THR B 199 -10.82 15.57 10.40
CA THR B 199 -9.66 15.17 9.62
C THR B 199 -8.79 14.22 10.43
N ALA B 200 -8.63 14.49 11.72
CA ALA B 200 -7.80 13.64 12.57
C ALA B 200 -8.42 12.26 12.68
N GLU B 201 -9.74 12.21 12.82
CA GLU B 201 -10.47 10.95 12.93
C GLU B 201 -10.30 10.14 11.66
N MSE B 202 -10.48 10.79 10.52
CA MSE B 202 -10.35 10.07 9.26
C MSE B 202 -8.91 9.63 9.01
O MSE B 202 -8.67 8.54 8.49
CB MSE B 202 -10.82 10.92 8.09
CG MSE B 202 -10.91 10.12 6.80
SE MSE B 202 -11.55 11.15 5.31
CE MSE B 202 -11.41 9.79 3.96
N VAL B 203 -7.95 10.47 9.37
CA VAL B 203 -6.55 10.11 9.16
C VAL B 203 -6.16 8.84 9.92
N LYS B 204 -6.58 8.74 11.18
CA LYS B 204 -6.29 7.56 11.99
C LYS B 204 -6.85 6.31 11.31
N LEU B 205 -8.11 6.39 10.89
CA LEU B 205 -8.75 5.26 10.24
C LEU B 205 -8.09 4.92 8.90
N MSE B 206 -7.63 5.93 8.18
CA MSE B 206 -6.97 5.73 6.90
C MSE B 206 -5.66 4.98 7.10
O MSE B 206 -5.28 4.16 6.27
CB MSE B 206 -6.69 7.08 6.22
CG MSE B 206 -7.92 7.70 5.57
SE MSE B 206 -7.70 9.56 5.15
CE MSE B 206 -6.20 9.48 3.97
N GLU B 207 -4.97 5.27 8.20
CA GLU B 207 -3.71 4.60 8.51
C GLU B 207 -3.91 3.10 8.62
N ASN B 208 -4.87 2.70 9.46
CA ASN B 208 -5.13 1.29 9.66
C ASN B 208 -5.82 0.61 8.51
N THR B 209 -6.60 1.36 7.72
CA THR B 209 -7.24 0.76 6.57
C THR B 209 -6.19 0.52 5.49
N PHE B 210 -5.20 1.41 5.40
CA PHE B 210 -4.12 1.25 4.44
C PHE B 210 -3.42 -0.09 4.73
N ARG B 211 -3.18 -0.35 6.01
CA ARG B 211 -2.50 -1.57 6.41
C ARG B 211 -3.37 -2.79 6.08
N ASP B 212 -4.63 -2.74 6.47
CA ASP B 212 -5.54 -3.86 6.21
C ASP B 212 -5.68 -4.18 4.72
N VAL B 213 -5.92 -3.15 3.91
CA VAL B 213 -6.07 -3.37 2.47
C VAL B 213 -4.78 -3.93 1.87
N ASN B 214 -3.64 -3.45 2.34
CA ASN B 214 -2.38 -3.96 1.80
C ASN B 214 -2.11 -5.40 2.22
N ILE B 215 -2.65 -5.81 3.35
CA ILE B 215 -2.49 -7.20 3.77
C ILE B 215 -3.37 -8.06 2.85
N ALA B 216 -4.56 -7.55 2.52
CA ALA B 216 -5.47 -8.29 1.63
C ALA B 216 -4.86 -8.43 0.23
N LEU B 217 -4.16 -7.40 -0.23
CA LEU B 217 -3.51 -7.48 -1.54
C LEU B 217 -2.45 -8.57 -1.50
N ALA B 218 -1.70 -8.62 -0.40
CA ALA B 218 -0.66 -9.63 -0.24
C ALA B 218 -1.28 -11.02 -0.26
N ASN B 219 -2.45 -11.15 0.37
CA ASN B 219 -3.14 -12.43 0.39
C ASN B 219 -3.56 -12.82 -1.03
N GLU B 220 -3.95 -11.85 -1.86
CA GLU B 220 -4.30 -12.22 -3.23
C GLU B 220 -3.02 -12.63 -3.96
N PHE B 221 -1.90 -11.97 -3.67
CA PHE B 221 -0.64 -12.36 -4.31
C PHE B 221 -0.31 -13.80 -3.90
N ALA B 222 -0.64 -14.16 -2.66
CA ALA B 222 -0.39 -15.51 -2.16
C ALA B 222 -1.19 -16.53 -2.96
N LEU B 223 -2.45 -16.21 -3.23
CA LEU B 223 -3.31 -17.12 -4.00
C LEU B 223 -2.72 -17.29 -5.40
N LEU B 224 -2.29 -16.19 -6.00
CA LEU B 224 -1.71 -16.24 -7.33
C LEU B 224 -0.39 -17.02 -7.35
N ALA B 225 0.41 -16.87 -6.29
CA ALA B 225 1.69 -17.56 -6.22
C ALA B 225 1.51 -19.07 -6.28
N HIS B 226 0.42 -19.56 -5.69
CA HIS B 226 0.13 -21.00 -5.73
C HIS B 226 0.01 -21.46 -7.17
N GLN B 227 -0.57 -20.62 -8.02
CA GLN B 227 -0.78 -20.94 -9.43
C GLN B 227 0.42 -20.69 -10.33
N TYR B 228 1.37 -19.87 -9.88
CA TYR B 228 2.54 -19.58 -10.70
C TYR B 228 3.82 -20.26 -10.23
N GLY B 229 3.70 -21.13 -9.22
CA GLY B 229 4.86 -21.85 -8.71
C GLY B 229 5.87 -20.96 -8.01
N VAL B 230 5.37 -20.01 -7.25
CA VAL B 230 6.23 -19.04 -6.57
C VAL B 230 6.08 -19.01 -5.06
N ASN B 231 7.18 -18.73 -4.37
CA ASN B 231 7.14 -18.58 -2.92
C ASN B 231 6.78 -17.11 -2.73
N VAL B 232 5.54 -16.82 -2.38
CA VAL B 232 5.12 -15.43 -2.24
C VAL B 232 5.95 -14.61 -1.26
N TYR B 233 6.45 -15.24 -0.20
CA TYR B 233 7.24 -14.50 0.77
C TYR B 233 8.58 -14.05 0.18
N GLU B 234 9.18 -14.90 -0.65
CA GLU B 234 10.44 -14.54 -1.30
C GLU B 234 10.14 -13.44 -2.31
N ALA B 235 9.03 -13.59 -3.03
CA ALA B 235 8.65 -12.58 -4.03
C ALA B 235 8.42 -11.22 -3.37
N ILE B 236 7.77 -11.22 -2.20
CA ILE B 236 7.53 -9.97 -1.50
C ILE B 236 8.84 -9.32 -1.04
N GLU B 237 9.75 -10.13 -0.50
CA GLU B 237 11.02 -9.59 -0.05
C GLU B 237 11.77 -8.96 -1.21
N LEU B 238 11.71 -9.61 -2.37
CA LEU B 238 12.39 -9.09 -3.56
C LEU B 238 11.73 -7.83 -4.05
N ALA B 239 10.40 -7.86 -4.15
CA ALA B 239 9.63 -6.71 -4.61
C ALA B 239 9.83 -5.49 -3.74
N ASN B 240 9.96 -5.71 -2.43
CA ASN B 240 10.13 -4.61 -1.50
C ASN B 240 11.47 -3.90 -1.54
N THR B 241 12.37 -4.36 -2.40
CA THR B 241 13.67 -3.70 -2.54
C THR B 241 13.51 -2.59 -3.59
N HIS B 242 12.32 -2.51 -4.16
CA HIS B 242 11.96 -1.48 -5.14
C HIS B 242 11.81 -0.19 -4.33
N PRO B 243 12.30 0.94 -4.83
CA PRO B 243 12.18 2.21 -4.10
C PRO B 243 10.79 2.69 -3.68
N ARG B 244 9.75 2.26 -4.41
CA ARG B 244 8.39 2.71 -4.13
C ARG B 244 7.43 1.61 -3.74
N VAL B 245 7.98 0.44 -3.39
CA VAL B 245 7.16 -0.72 -3.04
C VAL B 245 7.41 -1.32 -1.66
N LYS B 246 6.33 -1.55 -0.92
CA LYS B 246 6.41 -2.15 0.41
C LYS B 246 5.16 -3.01 0.65
N ILE B 247 5.12 -4.14 -0.03
CA ILE B 247 4.00 -5.06 0.07
C ILE B 247 3.99 -5.67 1.46
N HIS B 248 2.80 -5.76 2.03
CA HIS B 248 2.64 -6.30 3.37
C HIS B 248 2.72 -7.82 3.40
N THR B 249 2.53 -8.41 4.57
CA THR B 249 2.67 -9.85 4.73
C THR B 249 1.37 -10.66 4.76
N PRO B 250 1.26 -11.66 3.89
CA PRO B 250 0.06 -12.50 3.82
C PRO B 250 0.14 -13.60 4.87
N GLY B 251 -0.95 -14.33 5.07
CA GLY B 251 -0.93 -15.38 6.07
C GLY B 251 -2.31 -15.82 6.48
N ILE B 252 -2.36 -16.63 7.54
CA ILE B 252 -3.61 -17.19 8.04
C ILE B 252 -4.69 -16.19 8.48
N GLY B 253 -4.31 -14.95 8.73
CA GLY B 253 -5.32 -13.98 9.14
C GLY B 253 -4.85 -12.69 9.77
N VAL B 254 -5.81 -11.82 10.04
CA VAL B 254 -5.54 -10.53 10.65
C VAL B 254 -6.36 -10.39 11.94
N GLY B 255 -5.66 -10.33 13.07
CA GLY B 255 -6.33 -10.20 14.34
C GLY B 255 -5.95 -8.93 15.08
N GLY B 256 -6.06 -8.96 16.40
CA GLY B 256 -5.72 -7.78 17.18
C GLY B 256 -6.95 -6.98 17.49
N HIS B 257 -6.76 -5.84 18.15
CA HIS B 257 -7.88 -4.98 18.57
C HIS B 257 -8.20 -3.88 17.57
N CYS B 258 -7.47 -3.81 16.47
CA CYS B 258 -7.68 -2.70 15.54
C CYS B 258 -8.04 -2.96 14.09
N LEU B 259 -7.16 -3.63 13.35
CA LEU B 259 -7.40 -3.87 11.93
C LEU B 259 -8.69 -4.60 11.59
N PRO B 260 -9.16 -5.49 12.47
CA PRO B 260 -10.41 -6.19 12.14
C PRO B 260 -11.66 -5.32 12.18
N LYS B 261 -11.57 -4.16 12.84
CA LYS B 261 -12.75 -3.30 12.94
C LYS B 261 -12.63 -1.87 12.46
N ASP B 262 -11.42 -1.31 12.49
CA ASP B 262 -11.26 0.07 12.04
C ASP B 262 -11.74 0.37 10.63
N PRO B 263 -11.54 -0.54 9.66
CA PRO B 263 -12.02 -0.25 8.31
C PRO B 263 -13.54 -0.07 8.34
N TYR B 264 -14.20 -0.85 9.18
CA TYR B 264 -15.65 -0.78 9.31
C TYR B 264 -16.04 0.55 9.95
N LEU B 265 -15.23 1.05 10.87
CA LEU B 265 -15.52 2.33 11.49
C LEU B 265 -15.45 3.42 10.43
N LEU B 266 -14.49 3.28 9.51
CA LEU B 266 -14.31 4.27 8.45
C LEU B 266 -15.48 4.30 7.48
N LEU B 267 -16.07 3.14 7.23
CA LEU B 267 -17.20 3.06 6.30
C LEU B 267 -18.57 3.18 6.95
N SER B 268 -18.62 3.01 8.27
CA SER B 268 -19.87 3.03 9.02
C SER B 268 -20.93 4.06 8.60
N ASN B 269 -20.56 5.32 8.51
CA ASN B 269 -21.56 6.32 8.15
C ASN B 269 -21.52 6.80 6.71
N ALA B 270 -20.66 6.20 5.90
CA ALA B 270 -20.55 6.59 4.50
C ALA B 270 -21.75 6.13 3.70
N LYS B 271 -22.35 7.04 2.94
CA LYS B 271 -23.50 6.70 2.13
C LYS B 271 -23.06 6.09 0.80
N GLU B 272 -21.82 6.37 0.41
CA GLU B 272 -21.28 5.83 -0.83
C GLU B 272 -19.80 5.50 -0.69
N ASP B 273 -19.38 4.46 -1.39
CA ASP B 273 -17.98 4.01 -1.37
C ASP B 273 -17.69 3.32 -2.70
N PHE B 274 -16.50 2.79 -2.87
CA PHE B 274 -16.14 2.10 -4.10
C PHE B 274 -16.08 0.58 -3.93
N GLY B 275 -15.88 0.12 -2.71
CA GLY B 275 -15.86 -1.31 -2.45
C GLY B 275 -14.53 -1.98 -2.15
N LEU B 276 -13.43 -1.30 -2.41
CA LEU B 276 -12.12 -1.89 -2.17
C LEU B 276 -11.86 -2.18 -0.70
N ILE B 277 -12.17 -1.22 0.17
CA ILE B 277 -11.97 -1.40 1.61
C ILE B 277 -12.82 -2.58 2.11
N ARG B 278 -14.08 -2.62 1.69
CA ARG B 278 -15.00 -3.69 2.08
C ARG B 278 -14.56 -5.07 1.64
N ILE B 279 -14.26 -5.23 0.35
CA ILE B 279 -13.85 -6.54 -0.15
C ILE B 279 -12.50 -6.98 0.40
N ALA B 280 -11.65 -6.04 0.78
CA ALA B 280 -10.36 -6.38 1.35
C ALA B 280 -10.58 -7.02 2.72
N ARG B 281 -11.48 -6.44 3.50
CA ARG B 281 -11.80 -6.99 4.82
C ARG B 281 -12.27 -8.44 4.65
N ARG B 282 -13.21 -8.66 3.72
CA ARG B 282 -13.72 -10.00 3.47
C ARG B 282 -12.61 -10.97 3.09
N ILE B 283 -11.64 -10.51 2.32
CA ILE B 283 -10.54 -11.39 1.93
C ILE B 283 -9.73 -11.81 3.17
N ASN B 284 -9.32 -10.84 3.98
CA ASN B 284 -8.55 -11.20 5.16
C ASN B 284 -9.34 -12.10 6.11
N GLU B 285 -10.65 -11.89 6.16
CA GLU B 285 -11.51 -12.67 7.03
C GLU B 285 -11.65 -14.12 6.62
N ARG B 286 -11.40 -14.43 5.35
CA ARG B 286 -11.52 -15.82 4.92
C ARG B 286 -10.20 -16.58 4.87
N MSE B 287 -9.11 -15.97 5.34
CA MSE B 287 -7.84 -16.67 5.29
C MSE B 287 -7.75 -17.89 6.22
O MSE B 287 -7.02 -18.83 5.93
CB MSE B 287 -6.68 -15.70 5.52
CG MSE B 287 -6.57 -14.66 4.39
SE MSE B 287 -6.56 -15.38 2.56
CE MSE B 287 -8.41 -15.25 2.09
N PRO B 288 -8.49 -17.87 7.35
CA PRO B 288 -8.40 -19.08 8.18
C PRO B 288 -8.98 -20.25 7.39
N ALA B 289 -10.03 -19.96 6.62
CA ALA B 289 -10.67 -20.99 5.78
C ALA B 289 -9.71 -21.40 4.67
N PHE B 290 -8.92 -20.45 4.17
CA PHE B 290 -7.97 -20.75 3.12
C PHE B 290 -6.99 -21.78 3.68
N ALA B 291 -6.54 -21.56 4.93
CA ALA B 291 -5.62 -22.47 5.60
C ALA B 291 -6.26 -23.84 5.79
N ALA B 292 -7.54 -23.84 6.14
CA ALA B 292 -8.27 -25.09 6.33
C ALA B 292 -8.28 -25.86 5.01
N GLY B 293 -8.44 -25.13 3.91
CA GLY B 293 -8.45 -25.74 2.60
C GLY B 293 -7.15 -26.45 2.33
N LEU B 294 -6.04 -25.84 2.73
CA LEU B 294 -4.73 -26.47 2.51
C LEU B 294 -4.58 -27.72 3.39
N LEU B 295 -5.12 -27.66 4.61
CA LEU B 295 -5.04 -28.80 5.52
C LEU B 295 -5.76 -30.02 4.96
N PHE B 296 -7.02 -29.84 4.58
CA PHE B 296 -7.81 -30.94 4.03
C PHE B 296 -7.19 -31.49 2.76
N GLU B 297 -6.55 -30.61 1.99
CA GLU B 297 -5.90 -31.02 0.76
C GLU B 297 -4.73 -31.95 1.10
N ALA B 298 -4.00 -31.61 2.15
CA ALA B 298 -2.86 -32.40 2.60
C ALA B 298 -3.29 -33.74 3.17
N LEU B 299 -4.40 -33.74 3.91
CA LEU B 299 -4.89 -34.98 4.50
C LEU B 299 -5.28 -35.95 3.38
N GLU B 300 -5.89 -35.41 2.33
CA GLU B 300 -6.31 -36.22 1.20
C GLU B 300 -5.08 -36.83 0.53
N LYS B 301 -4.03 -36.04 0.41
CA LYS B 301 -2.78 -36.51 -0.20
C LYS B 301 -2.20 -37.65 0.62
N ALA B 302 -2.42 -37.61 1.93
CA ALA B 302 -1.93 -38.63 2.84
C ALA B 302 -2.96 -39.73 3.04
N ASN B 303 -4.05 -39.66 2.28
CA ASN B 303 -5.12 -40.65 2.37
C ASN B 303 -5.63 -40.79 3.79
N ILE B 304 -5.87 -39.66 4.45
CA ILE B 304 -6.36 -39.66 5.82
C ILE B 304 -7.79 -39.11 5.87
N LYS B 305 -8.68 -39.84 6.54
CA LYS B 305 -10.06 -39.39 6.67
C LYS B 305 -10.10 -38.31 7.75
N PRO B 306 -10.42 -37.07 7.35
CA PRO B 306 -10.50 -35.92 8.26
C PRO B 306 -11.16 -36.22 9.60
N SER B 307 -12.24 -37.00 9.56
CA SER B 307 -12.98 -37.33 10.77
C SER B 307 -12.17 -38.16 11.78
N GLU B 308 -11.03 -38.68 11.35
CA GLU B 308 -10.18 -39.48 12.23
C GLU B 308 -8.83 -38.81 12.46
N ALA B 309 -8.62 -37.66 11.84
CA ALA B 309 -7.36 -36.93 11.96
C ALA B 309 -7.18 -36.19 13.29
N ILE B 310 -5.94 -36.14 13.75
CA ILE B 310 -5.59 -35.43 14.97
C ILE B 310 -4.75 -34.24 14.52
N ILE B 311 -5.25 -33.04 14.74
CA ILE B 311 -4.58 -31.82 14.32
C ILE B 311 -3.90 -31.08 15.46
N ALA B 312 -2.66 -30.68 15.24
CA ALA B 312 -1.90 -29.93 16.23
C ALA B 312 -1.74 -28.49 15.77
N VAL B 313 -2.48 -27.58 16.39
CA VAL B 313 -2.40 -26.16 16.03
C VAL B 313 -1.34 -25.50 16.91
N LEU B 314 -0.33 -24.92 16.27
CA LEU B 314 0.75 -24.26 16.97
C LEU B 314 0.54 -22.75 16.90
N GLY B 315 0.21 -22.16 18.05
CA GLY B 315 -0.03 -20.73 18.11
C GLY B 315 -1.50 -20.40 18.31
N LEU B 316 -1.80 -19.54 19.28
CA LEU B 316 -3.15 -19.13 19.57
C LEU B 316 -3.25 -17.60 19.57
N ALA B 317 -2.18 -16.94 19.98
CA ALA B 317 -2.13 -15.47 20.02
C ALA B 317 -2.35 -14.90 18.63
N TYR B 318 -2.79 -13.64 18.54
CA TYR B 318 -3.06 -13.05 17.22
C TYR B 318 -1.81 -12.66 16.42
N LYS B 319 -0.66 -12.66 17.08
CA LYS B 319 0.61 -12.37 16.42
C LYS B 319 1.69 -12.94 17.32
N GLY B 320 2.87 -13.16 16.77
CA GLY B 320 3.96 -13.73 17.55
C GLY B 320 4.46 -12.84 18.67
N GLY B 321 4.91 -13.48 19.76
CA GLY B 321 5.48 -12.76 20.88
C GLY B 321 4.54 -12.22 21.94
N THR B 322 3.25 -12.50 21.80
CA THR B 322 2.28 -12.02 22.79
C THR B 322 1.37 -13.14 23.26
N ASP B 323 0.64 -12.88 24.35
CA ASP B 323 -0.28 -13.85 24.91
C ASP B 323 -1.71 -13.45 24.58
N ASP B 324 -1.84 -12.31 23.90
CA ASP B 324 -3.16 -11.79 23.53
C ASP B 324 -3.78 -12.56 22.37
N THR B 325 -5.01 -13.03 22.54
CA THR B 325 -5.69 -13.79 21.48
C THR B 325 -6.86 -13.03 20.84
N ARG B 326 -6.95 -11.73 21.10
CA ARG B 326 -8.03 -10.90 20.56
C ARG B 326 -8.18 -11.07 19.05
N ASN B 327 -9.38 -11.46 18.61
CA ASN B 327 -9.68 -11.64 17.20
C ASN B 327 -8.62 -12.47 16.48
N SER B 328 -7.99 -13.39 17.21
CA SER B 328 -6.94 -14.21 16.62
C SER B 328 -7.42 -15.14 15.51
N PRO B 329 -6.72 -15.14 14.37
CA PRO B 329 -7.14 -16.04 13.30
C PRO B 329 -6.91 -17.51 13.70
N ALA B 330 -6.08 -17.73 14.71
CA ALA B 330 -5.81 -19.10 15.17
C ALA B 330 -7.11 -19.66 15.78
N LEU B 331 -7.79 -18.84 16.56
CA LEU B 331 -9.04 -19.25 17.19
C LEU B 331 -10.09 -19.49 16.12
N LYS B 332 -10.11 -18.63 15.10
CA LYS B 332 -11.07 -18.76 14.01
C LYS B 332 -10.81 -20.07 13.28
N PHE B 333 -9.54 -20.37 13.05
CA PHE B 333 -9.15 -21.60 12.37
C PHE B 333 -9.64 -22.84 13.11
N VAL B 334 -9.42 -22.87 14.42
CA VAL B 334 -9.85 -24.01 15.23
C VAL B 334 -11.35 -24.20 15.11
N GLU B 335 -12.08 -23.11 15.22
CA GLU B 335 -13.54 -23.13 15.14
C GLU B 335 -13.99 -23.69 13.79
N ILE B 336 -13.26 -23.36 12.75
CA ILE B 336 -13.57 -23.81 11.40
C ILE B 336 -13.40 -25.31 11.16
N ILE B 337 -12.34 -25.88 11.72
CA ILE B 337 -12.07 -27.30 11.52
C ILE B 337 -12.60 -28.22 12.62
N ARG B 338 -12.94 -27.63 13.77
CA ARG B 338 -13.44 -28.38 14.92
C ARG B 338 -14.33 -29.60 14.62
N ASN B 339 -15.44 -29.39 13.93
CA ASN B 339 -16.37 -30.47 13.62
C ASN B 339 -16.05 -31.31 12.39
N SER B 340 -14.88 -31.09 11.79
CA SER B 340 -14.49 -31.85 10.61
C SER B 340 -13.35 -32.81 10.97
N VAL B 341 -12.76 -32.59 12.14
CA VAL B 341 -11.65 -33.40 12.61
C VAL B 341 -11.94 -34.12 13.92
N LYS B 342 -11.29 -35.26 14.14
CA LYS B 342 -11.51 -36.03 15.35
C LYS B 342 -11.01 -35.31 16.60
N GLU B 343 -9.83 -34.72 16.51
CA GLU B 343 -9.25 -34.01 17.65
C GLU B 343 -8.44 -32.80 17.24
N VAL B 344 -8.68 -31.68 17.91
CA VAL B 344 -7.95 -30.45 17.64
C VAL B 344 -7.14 -30.08 18.89
N ARG B 345 -5.83 -30.17 18.79
CA ARG B 345 -4.95 -29.83 19.90
C ARG B 345 -4.35 -28.45 19.65
N THR B 346 -3.96 -27.78 20.73
CA THR B 346 -3.38 -26.45 20.63
C THR B 346 -2.21 -26.26 21.58
N TYR B 347 -1.22 -25.51 21.12
CA TYR B 347 -0.05 -25.19 21.92
C TYR B 347 0.44 -23.79 21.62
N ASP B 348 0.72 -23.04 22.67
CA ASP B 348 1.20 -21.67 22.55
C ASP B 348 2.05 -21.41 23.79
N PRO B 349 3.31 -21.00 23.59
CA PRO B 349 4.19 -20.73 24.75
C PRO B 349 3.75 -19.58 25.65
N TYR B 350 2.83 -18.74 25.19
CA TYR B 350 2.36 -17.61 25.97
C TYR B 350 0.98 -17.81 26.57
N VAL B 351 0.11 -18.54 25.87
CA VAL B 351 -1.23 -18.79 26.36
C VAL B 351 -1.47 -20.30 26.41
N ARG B 352 -1.95 -20.77 27.55
CA ARG B 352 -2.20 -22.20 27.74
C ARG B 352 -3.24 -22.81 26.81
N GLY B 353 -2.79 -23.73 25.97
CA GLY B 353 -3.70 -24.43 25.06
C GLY B 353 -4.06 -25.77 25.67
N THR B 354 -4.36 -26.76 24.83
CA THR B 354 -4.71 -28.08 25.34
C THR B 354 -3.48 -28.83 25.83
N HIS B 355 -2.32 -28.48 25.28
CA HIS B 355 -1.06 -29.12 25.67
C HIS B 355 -0.03 -28.08 26.10
N ASP B 356 0.81 -28.46 27.05
CA ASP B 356 1.82 -27.57 27.61
C ASP B 356 3.18 -27.52 26.90
N SER B 357 3.36 -28.30 25.85
CA SER B 357 4.62 -28.29 25.12
C SER B 357 4.44 -28.74 23.68
N LEU B 358 5.35 -28.31 22.81
CA LEU B 358 5.29 -28.68 21.41
C LEU B 358 5.48 -30.19 21.29
N GLU B 359 6.38 -30.73 22.10
CA GLU B 359 6.65 -32.16 22.11
C GLU B 359 5.37 -32.95 22.35
N LYS B 360 4.63 -32.57 23.39
CA LYS B 360 3.39 -33.26 23.72
C LYS B 360 2.27 -33.08 22.72
N VAL B 361 2.11 -31.86 22.19
CA VAL B 361 1.04 -31.59 21.24
C VAL B 361 1.14 -32.33 19.90
N VAL B 362 2.36 -32.61 19.45
CA VAL B 362 2.54 -33.29 18.16
C VAL B 362 2.60 -34.81 18.28
N GLU B 363 2.88 -35.31 19.48
CA GLU B 363 2.98 -36.75 19.70
C GLU B 363 1.71 -37.47 19.26
N GLY B 364 1.83 -38.28 18.21
CA GLY B 364 0.70 -39.02 17.71
C GLY B 364 -0.24 -38.20 16.85
N ALA B 365 0.17 -36.99 16.51
CA ALA B 365 -0.64 -36.10 15.68
C ALA B 365 -0.51 -36.44 14.20
N ASP B 366 -1.52 -36.08 13.42
CA ASP B 366 -1.51 -36.36 11.99
C ASP B 366 -1.05 -35.15 11.19
N ALA B 367 -1.23 -33.96 11.76
CA ALA B 367 -0.83 -32.74 11.06
C ALA B 367 -0.60 -31.60 12.02
N ILE B 368 0.30 -30.70 11.61
CA ILE B 368 0.65 -29.51 12.37
C ILE B 368 0.19 -28.31 11.55
N VAL B 369 -0.45 -27.35 12.21
CA VAL B 369 -0.89 -26.13 11.54
C VAL B 369 -0.25 -25.00 12.34
N ILE B 370 0.63 -24.25 11.69
CA ILE B 370 1.31 -23.13 12.35
C ILE B 370 0.43 -21.89 12.16
N ALA B 371 -0.23 -21.47 13.24
CA ALA B 371 -1.12 -20.33 13.17
C ALA B 371 -0.57 -19.01 13.72
N THR B 372 0.54 -19.08 14.45
CA THR B 372 1.17 -17.86 15.00
C THR B 372 2.68 -17.94 14.86
N ASP B 373 3.29 -16.83 14.45
CA ASP B 373 4.72 -16.78 14.25
C ASP B 373 5.54 -16.51 15.53
N HIS B 374 5.37 -17.37 16.52
CA HIS B 374 6.10 -17.23 17.78
C HIS B 374 7.56 -17.60 17.58
N PRO B 375 8.46 -16.90 18.29
CA PRO B 375 9.91 -17.12 18.24
C PRO B 375 10.31 -18.59 18.38
N GLU B 376 9.64 -19.31 19.29
CA GLU B 376 9.95 -20.71 19.51
C GLU B 376 9.88 -21.56 18.24
N PHE B 377 8.88 -21.29 17.41
CA PHE B 377 8.71 -22.07 16.20
C PHE B 377 9.75 -21.82 15.11
N LYS B 378 10.47 -20.71 15.22
CA LYS B 378 11.48 -20.36 14.23
C LYS B 378 12.75 -21.22 14.25
N SER B 379 12.98 -21.94 15.34
CA SER B 379 14.18 -22.76 15.45
C SER B 379 13.90 -24.25 15.59
N VAL B 380 12.63 -24.64 15.49
CA VAL B 380 12.24 -26.03 15.62
C VAL B 380 12.91 -26.99 14.64
N ASN B 381 13.34 -28.14 15.17
CA ASN B 381 13.96 -29.18 14.35
C ASN B 381 12.79 -30.03 13.89
N TRP B 382 12.14 -29.62 12.80
CA TRP B 382 10.96 -30.34 12.32
C TRP B 382 11.16 -31.82 12.01
N GLU B 383 12.27 -32.18 11.39
CA GLU B 383 12.52 -33.58 11.07
C GLU B 383 12.59 -34.42 12.35
N SER B 384 13.24 -33.88 13.36
CA SER B 384 13.39 -34.57 14.63
C SER B 384 12.04 -34.76 15.34
N ILE B 385 11.28 -33.67 15.45
CA ILE B 385 9.98 -33.71 16.10
C ILE B 385 9.01 -34.60 15.34
N GLY B 386 9.17 -34.68 14.02
CA GLY B 386 8.29 -35.50 13.21
C GLY B 386 8.37 -36.99 13.50
N LYS B 387 9.44 -37.42 14.14
CA LYS B 387 9.62 -38.83 14.46
C LYS B 387 8.53 -39.37 15.39
N SER B 388 7.90 -38.46 16.14
CA SER B 388 6.84 -38.85 17.08
C SER B 388 5.43 -38.71 16.53
N MSE B 389 5.30 -38.12 15.35
CA MSE B 389 3.98 -37.91 14.75
C MSE B 389 3.45 -39.16 14.05
O MSE B 389 4.21 -40.04 13.64
CB MSE B 389 4.04 -36.75 13.76
CG MSE B 389 4.46 -35.43 14.39
SE MSE B 389 4.55 -34.00 13.09
CE MSE B 389 2.65 -33.82 12.77
N ARG B 390 2.13 -39.24 13.91
CA ARG B 390 1.49 -40.37 13.24
C ARG B 390 1.65 -40.17 11.74
N HIS B 391 1.63 -38.90 11.33
CA HIS B 391 1.81 -38.53 9.93
C HIS B 391 2.60 -37.22 9.92
N LYS B 392 3.54 -37.12 8.99
CA LYS B 392 4.37 -35.93 8.86
C LYS B 392 3.75 -34.91 7.93
N ILE B 393 2.86 -34.07 8.48
CA ILE B 393 2.19 -33.04 7.70
C ILE B 393 2.26 -31.69 8.39
N ILE B 394 2.64 -30.67 7.63
CA ILE B 394 2.73 -29.31 8.14
C ILE B 394 2.07 -28.32 7.21
N ILE B 395 1.19 -27.50 7.76
CA ILE B 395 0.52 -26.46 6.99
C ILE B 395 0.99 -25.17 7.66
N ASP B 396 1.74 -24.36 6.93
CA ASP B 396 2.28 -23.12 7.48
C ASP B 396 1.45 -21.92 7.10
N GLY B 397 0.94 -21.23 8.11
CA GLY B 397 0.14 -20.04 7.85
C GLY B 397 0.81 -18.74 8.25
N ARG B 398 2.09 -18.81 8.59
CA ARG B 398 2.83 -17.61 9.04
C ARG B 398 4.27 -17.51 8.54
N ASN B 399 4.59 -18.24 7.48
CA ASN B 399 5.93 -18.29 6.92
C ASN B 399 6.99 -18.57 7.98
N ILE B 400 6.68 -19.53 8.84
CA ILE B 400 7.61 -19.95 9.89
C ILE B 400 8.54 -20.97 9.24
N ILE B 401 8.01 -21.68 8.24
CA ILE B 401 8.77 -22.68 7.50
C ILE B 401 9.41 -22.00 6.28
N LYS B 402 10.74 -22.13 6.17
CA LYS B 402 11.43 -21.56 5.03
C LYS B 402 11.60 -22.74 4.06
N GLU B 403 12.67 -23.51 4.24
CA GLU B 403 12.89 -24.68 3.40
C GLU B 403 12.01 -25.80 3.96
N PRO B 404 11.16 -26.41 3.12
CA PRO B 404 10.28 -27.48 3.62
C PRO B 404 11.08 -28.61 4.28
N PRO B 405 10.61 -29.07 5.46
CA PRO B 405 11.29 -30.15 6.19
C PRO B 405 11.32 -31.44 5.37
N VAL B 406 12.40 -32.20 5.51
CA VAL B 406 12.54 -33.45 4.77
C VAL B 406 11.49 -34.49 5.16
N GLY B 407 10.88 -35.12 4.16
CA GLY B 407 9.89 -36.16 4.40
C GLY B 407 8.49 -35.73 4.80
N PHE B 408 8.25 -34.43 4.86
CA PHE B 408 6.95 -33.90 5.23
C PHE B 408 6.08 -33.52 4.04
N ILE B 409 4.77 -33.67 4.21
CA ILE B 409 3.82 -33.23 3.20
C ILE B 409 3.71 -31.79 3.69
N PHE B 410 4.18 -30.85 2.88
CA PHE B 410 4.15 -29.46 3.28
C PHE B 410 3.29 -28.57 2.40
N ARG B 411 2.50 -27.72 3.06
CA ARG B 411 1.65 -26.76 2.39
C ARG B 411 1.78 -25.46 3.16
N GLY B 412 1.74 -24.34 2.46
CA GLY B 412 1.86 -23.05 3.12
C GLY B 412 1.13 -22.01 2.32
N ILE B 413 0.51 -21.05 3.00
CA ILE B 413 -0.22 -20.00 2.31
C ILE B 413 0.75 -19.25 1.41
N GLY B 414 0.48 -19.28 0.11
CA GLY B 414 1.34 -18.59 -0.84
C GLY B 414 2.60 -19.35 -1.21
N ARG B 415 2.69 -20.61 -0.81
CA ARG B 415 3.87 -21.40 -1.12
C ARG B 415 3.62 -22.24 -2.37
N GLY B 416 3.72 -21.60 -3.52
CA GLY B 416 3.51 -22.29 -4.78
C GLY B 416 4.77 -22.99 -5.27
N ASP B 417 5.86 -22.81 -4.54
CA ASP B 417 7.15 -23.39 -4.89
C ASP B 417 7.32 -24.84 -4.43
N VAL B 418 6.33 -25.36 -3.71
CA VAL B 418 6.39 -26.74 -3.22
C VAL B 418 5.23 -27.58 -3.75
N1 SAJ C . -0.28 8.06 -10.43
C2 SAJ C . -1.37 8.36 -9.54
N3 SAJ C . -1.11 8.36 -8.22
C4 SAJ C . 0.09 8.10 -7.65
C5 SAJ C . 1.18 7.80 -8.50
C6 SAJ C . 0.94 7.80 -9.88
O2 SAJ C . -2.48 8.59 -9.97
O4 SAJ C . 0.27 8.10 -6.43
C1C SAJ C . -0.50 8.04 -11.89
C2C SAJ C . 0.28 9.01 -12.77
O2C SAJ C . -0.26 10.29 -12.80
C3C SAJ C . 0.25 8.30 -14.12
C4C SAJ C . 0.27 6.83 -13.74
O4C SAJ C . -0.19 6.77 -12.40
O3C SAJ C . -0.94 8.58 -14.82
C5C SAJ C . 1.67 6.23 -13.83
O5C SAJ C . 2.58 7.00 -13.07
PA SAJ C . 3.88 6.41 -12.46
O1A SAJ C . 4.58 7.48 -11.72
O2A SAJ C . 3.54 5.17 -11.73
O3A SAJ C . 4.63 6.02 -13.84
PB SAJ C . 5.00 4.58 -14.53
O1B SAJ C . 3.80 3.78 -14.70
O2B SAJ C . 5.73 4.80 -15.80
O1' SAJ C . 6.28 3.81 -13.73
C1' SAJ C . 5.89 2.60 -12.90
C2' SAJ C . 6.82 2.60 -11.73
N2' SAJ C . 6.44 1.49 -10.85
C7' SAJ C . 6.46 1.64 -9.44
O7' SAJ C . 6.79 2.67 -8.86
C8' SAJ C . 6.05 0.42 -8.59
C3' SAJ C . 8.27 2.32 -12.18
O3' SAJ C . 9.10 1.98 -11.09
C4' SAJ C . 8.35 1.15 -13.19
O4' SAJ C . 9.66 0.92 -13.58
C5' SAJ C . 7.44 1.45 -14.39
O5' SAJ C . 6.07 1.55 -13.84
C6' SAJ C . 7.45 0.39 -15.46
O6A SAJ C . 6.78 -0.76 -15.14
O6B SAJ C . 8.19 0.79 -16.55
N1 SAJ D . -0.55 -8.52 10.16
C2 SAJ D . -0.49 -9.25 8.94
N3 SAJ D . 0.35 -8.78 7.99
C4 SAJ D . 1.14 -7.68 8.08
C5 SAJ D . 1.10 -6.94 9.29
C6 SAJ D . 0.24 -7.41 10.30
O2 SAJ D . -1.18 -10.24 8.75
O4 SAJ D . 1.89 -7.30 7.17
C1C SAJ D . -1.44 -8.97 11.25
C2C SAJ D . -0.83 -9.40 12.57
O2C SAJ D . -0.34 -10.71 12.54
C3C SAJ D . -1.98 -9.20 13.55
C4C SAJ D . -2.73 -8.01 12.95
O4C SAJ D . -2.35 -7.97 11.59
O3C SAJ D . -2.84 -10.31 13.57
C5C SAJ D . -2.37 -6.70 13.65
O5C SAJ D . -0.98 -6.54 13.67
PA SAJ D . -0.30 -5.14 13.76
O1A SAJ D . 1.17 -5.32 13.74
O2A SAJ D . -0.91 -4.27 12.72
O3A SAJ D . -0.83 -4.67 15.21
PB SAJ D . -1.90 -3.51 15.70
O1B SAJ D . -3.18 -3.76 15.09
O2B SAJ D . -1.96 -3.49 17.18
O1' SAJ D . -1.31 -1.94 15.52
C1' SAJ D . -1.86 -1.16 14.36
C2' SAJ D . -0.76 -0.30 13.91
N2' SAJ D . -1.21 0.43 12.72
C7' SAJ D . -0.32 0.72 11.65
O7' SAJ D . 0.87 0.38 11.64
C8' SAJ D . -0.87 1.49 10.44
C3' SAJ D . -0.40 0.76 14.97
O3' SAJ D . 0.44 1.78 14.45
C4' SAJ D . -1.66 1.44 15.55
O4' SAJ D . -1.33 2.40 16.49
C5' SAJ D . -2.59 0.37 16.12
O5' SAJ D . -2.98 -0.50 14.98
C6' SAJ D . -3.85 0.89 16.75
O6A SAJ D . -4.78 1.37 15.86
O6B SAJ D . -3.81 0.80 18.12
#